data_3DIF
#
_entry.id   3DIF
#
_cell.length_a   41.206
_cell.length_b   70.602
_cell.length_c   87.849
_cell.angle_alpha   101.50
_cell.angle_beta   102.94
_cell.angle_gamma   98.32
#
_symmetry.space_group_name_H-M   'P 1'
#
loop_
_entity.id
_entity.type
_entity.pdbx_description
1 polymer 'FabOX117 Light Chain Fragment'
2 polymer 'FabOX117 Heavy Chain Fragment'
3 water water
#
loop_
_entity_poly.entity_id
_entity_poly.type
_entity_poly.pdbx_seq_one_letter_code
_entity_poly.pdbx_strand_id
1 'polypeptide(L)'
;DIVITQSPKFMSTSVGDRVSITCKASQDVSTAVAWFQQKPGQSPKLLIYSASYRYTGVPDRFTGSGSGTDFTFTISSVQA
EDLAVYYCQQHYSTPWTFGGGTKLEIKRADAAPTVSIFPPSSEQLTSGGASVVCFLNNFYPKDINVKWKIDGSERQNGVL
NSWTDQDSKDSTYSMSSTLTLTKDEYERHNSYTCEATHKTSTSPIVKSFNRNEC
;
A,C
2 'polypeptide(L)'
;EVKLQQSGPELVKPGASVKISCKASGYSFTSYYIHWVKQRPGQGLEWIGWVFPGSGNTKYNEKFKGKATLTADTSSSTAY
MQLSSLTSEDSAVYFCARGNYDRAWFAYWGQGTLVTVSAAKTTPPSVYPLAPGSAAQTNSMVTLGCLVKGYFPEPVTVTW
NSGSLSSGVHTFPAVLQSDLYTLSSSVTVPSSTWPSETVTCNVAHPASSTKVDKKIVPRDCGKHHHHHH
;
B,D
#
# COMPACT_ATOMS: atom_id res chain seq x y z
N ASP A 1 -7.28 -7.90 3.03
CA ASP A 1 -7.67 -8.35 1.67
C ASP A 1 -8.15 -9.80 1.71
N ILE A 2 -9.45 -10.03 1.48
CA ILE A 2 -10.01 -11.39 1.51
C ILE A 2 -9.62 -12.12 0.21
N VAL A 3 -8.77 -13.14 0.36
CA VAL A 3 -8.29 -13.91 -0.77
C VAL A 3 -9.30 -14.99 -1.15
N ILE A 4 -9.50 -15.16 -2.46
CA ILE A 4 -10.41 -16.18 -2.99
C ILE A 4 -9.67 -17.16 -3.90
N THR A 5 -9.70 -18.44 -3.52
CA THR A 5 -9.08 -19.50 -4.29
C THR A 5 -10.15 -20.27 -5.07
N GLN A 6 -10.04 -20.25 -6.39
CA GLN A 6 -10.98 -20.93 -7.27
C GLN A 6 -10.34 -22.19 -7.83
N SER A 7 -11.11 -23.27 -7.86
CA SER A 7 -10.62 -24.57 -8.31
C SER A 7 -11.65 -25.25 -9.22
N PRO A 8 -11.17 -25.92 -10.30
CA PRO A 8 -9.78 -26.01 -10.73
C PRO A 8 -9.42 -24.81 -11.57
N LYS A 9 -8.17 -24.75 -12.05
CA LYS A 9 -7.74 -23.65 -12.91
C LYS A 9 -8.15 -23.90 -14.36
N PHE A 10 -8.10 -25.17 -14.77
CA PHE A 10 -8.47 -25.57 -16.13
C PHE A 10 -9.37 -26.80 -16.06
N MET A 11 -10.22 -26.95 -17.07
CA MET A 11 -11.19 -28.05 -17.11
C MET A 11 -11.51 -28.43 -18.56
N SER A 12 -11.57 -29.73 -18.84
CA SER A 12 -11.95 -30.23 -20.15
C SER A 12 -13.21 -31.08 -20.01
N THR A 13 -14.26 -30.72 -20.75
CA THR A 13 -15.57 -31.39 -20.63
C THR A 13 -16.28 -31.53 -21.98
N SER A 14 -16.93 -32.67 -22.20
CA SER A 14 -17.68 -32.91 -23.43
C SER A 14 -19.08 -32.31 -23.37
N VAL A 15 -19.65 -31.99 -24.54
CA VAL A 15 -21.01 -31.47 -24.64
C VAL A 15 -22.00 -32.46 -24.04
N GLY A 16 -22.76 -32.02 -23.04
CA GLY A 16 -23.75 -32.85 -22.35
C GLY A 16 -23.36 -33.20 -20.93
N ASP A 17 -22.07 -33.06 -20.59
CA ASP A 17 -21.57 -33.44 -19.27
C ASP A 17 -21.83 -32.37 -18.22
N ARG A 18 -21.72 -32.78 -16.96
CA ARG A 18 -21.87 -31.88 -15.82
C ARG A 18 -20.50 -31.43 -15.33
N VAL A 19 -20.38 -30.17 -14.95
CA VAL A 19 -19.12 -29.64 -14.41
C VAL A 19 -19.38 -28.72 -13.21
N SER A 20 -18.53 -28.86 -12.18
CA SER A 20 -18.63 -28.02 -10.97
C SER A 20 -17.32 -27.31 -10.69
N ILE A 21 -17.43 -26.00 -10.45
CA ILE A 21 -16.30 -25.16 -10.05
C ILE A 21 -16.49 -24.80 -8.59
N THR A 22 -15.41 -24.84 -7.81
CA THR A 22 -15.49 -24.44 -6.40
C THR A 22 -14.76 -23.13 -6.17
N CYS A 23 -15.24 -22.37 -5.19
CA CYS A 23 -14.70 -21.05 -4.88
C CYS A 23 -14.56 -20.96 -3.36
N LYS A 24 -13.32 -20.84 -2.88
CA LYS A 24 -13.06 -20.84 -1.44
C LYS A 24 -12.64 -19.44 -0.98
N ALA A 25 -13.20 -19.01 0.15
CA ALA A 25 -12.89 -17.69 0.73
C ALA A 25 -12.04 -17.86 1.98
N SER A 26 -11.11 -16.93 2.18
CA SER A 26 -10.21 -16.98 3.33
C SER A 26 -10.94 -16.69 4.64
N GLN A 27 -12.06 -15.98 4.56
CA GLN A 27 -12.94 -15.74 5.70
C GLN A 27 -14.41 -15.74 5.28
N ASP A 28 -15.29 -15.79 6.27
CA ASP A 28 -16.74 -15.81 6.07
C ASP A 28 -17.21 -14.59 5.27
N VAL A 29 -17.82 -14.84 4.11
CA VAL A 29 -18.40 -13.76 3.27
C VAL A 29 -19.91 -13.97 3.05
N SER A 30 -20.53 -14.70 3.98
CA SER A 30 -21.96 -15.01 3.95
C SER A 30 -22.41 -15.56 2.59
N THR A 31 -23.44 -14.97 1.98
CA THR A 31 -23.90 -15.38 0.66
C THR A 31 -23.59 -14.29 -0.39
N ALA A 32 -22.63 -13.40 -0.11
CA ALA A 32 -22.34 -12.27 -1.02
C ALA A 32 -21.36 -12.65 -2.13
N VAL A 33 -21.66 -13.73 -2.84
CA VAL A 33 -20.78 -14.20 -3.92
C VAL A 33 -21.47 -14.23 -5.27
N ALA A 34 -20.77 -13.72 -6.29
CA ALA A 34 -21.29 -13.65 -7.65
C ALA A 34 -20.43 -14.47 -8.61
N TRP A 35 -21.05 -15.05 -9.64
CA TRP A 35 -20.34 -15.80 -10.68
C TRP A 35 -20.40 -15.16 -12.07
N PHE A 36 -19.24 -15.02 -12.71
CA PHE A 36 -19.12 -14.31 -13.99
C PHE A 36 -18.57 -15.22 -15.09
N GLN A 37 -19.11 -15.06 -16.29
CA GLN A 37 -18.65 -15.82 -17.46
C GLN A 37 -18.06 -14.83 -18.45
N GLN A 38 -16.83 -15.08 -18.88
CA GLN A 38 -16.16 -14.22 -19.85
C GLN A 38 -15.65 -15.03 -21.06
N LYS A 39 -16.25 -14.79 -22.21
CA LYS A 39 -15.79 -15.38 -23.47
C LYS A 39 -14.72 -14.48 -24.11
N PRO A 40 -13.82 -15.07 -24.91
CA PRO A 40 -12.74 -14.31 -25.55
C PRO A 40 -13.17 -13.01 -26.23
N GLY A 41 -12.43 -11.95 -25.92
CA GLY A 41 -12.67 -10.63 -26.50
C GLY A 41 -13.87 -9.90 -25.95
N GLN A 42 -14.51 -10.43 -24.90
CA GLN A 42 -15.71 -9.82 -24.35
C GLN A 42 -15.54 -9.47 -22.88
N SER A 43 -16.41 -8.60 -22.39
CA SER A 43 -16.42 -8.24 -20.99
C SER A 43 -17.09 -9.36 -20.20
N PRO A 44 -16.77 -9.47 -18.90
CA PRO A 44 -17.40 -10.47 -18.05
C PRO A 44 -18.92 -10.37 -18.05
N LYS A 45 -19.58 -11.52 -17.89
CA LYS A 45 -21.03 -11.58 -17.88
C LYS A 45 -21.52 -12.16 -16.56
N LEU A 46 -22.41 -11.45 -15.88
CA LEU A 46 -22.97 -11.89 -14.61
C LEU A 46 -23.97 -13.01 -14.81
N LEU A 47 -23.74 -14.15 -14.15
CA LEU A 47 -24.63 -15.29 -14.24
C LEU A 47 -25.39 -15.51 -12.93
N ILE A 48 -24.64 -15.63 -11.84
CA ILE A 48 -25.21 -15.89 -10.53
C ILE A 48 -24.82 -14.80 -9.58
N TYR A 49 -25.80 -14.31 -8.82
CA TYR A 49 -25.55 -13.34 -7.73
C TYR A 49 -26.15 -13.89 -6.44
N SER A 50 -25.75 -13.30 -5.31
CA SER A 50 -26.20 -13.74 -3.98
C SER A 50 -25.97 -15.23 -3.75
N ALA A 51 -24.84 -15.75 -4.24
CA ALA A 51 -24.45 -17.16 -4.13
C ALA A 51 -25.27 -18.08 -5.02
N SER A 52 -26.59 -17.99 -4.92
CA SER A 52 -27.50 -19.01 -5.46
C SER A 52 -28.57 -18.47 -6.41
N TYR A 53 -28.62 -17.16 -6.62
CA TYR A 53 -29.66 -16.53 -7.42
C TYR A 53 -29.21 -16.31 -8.86
N ARG A 54 -30.01 -16.84 -9.78
CA ARG A 54 -29.79 -16.73 -11.21
C ARG A 54 -30.14 -15.33 -11.68
N TYR A 55 -29.22 -14.69 -12.42
CA TYR A 55 -29.46 -13.36 -12.97
C TYR A 55 -30.45 -13.45 -14.14
N THR A 56 -30.97 -12.29 -14.56
CA THR A 56 -31.98 -12.20 -15.61
C THR A 56 -31.51 -12.82 -16.92
N GLY A 57 -32.34 -13.71 -17.47
CA GLY A 57 -32.11 -14.27 -18.80
C GLY A 57 -31.14 -15.44 -18.89
N VAL A 58 -30.44 -15.76 -17.81
CA VAL A 58 -29.43 -16.83 -17.88
C VAL A 58 -30.11 -18.21 -17.80
N PRO A 59 -29.65 -19.17 -18.62
CA PRO A 59 -30.24 -20.52 -18.68
C PRO A 59 -30.24 -21.30 -17.36
N ASP A 60 -31.17 -22.25 -17.25
CA ASP A 60 -31.37 -23.06 -16.04
C ASP A 60 -30.30 -24.14 -15.80
N ARG A 61 -29.39 -24.31 -16.76
CA ARG A 61 -28.25 -25.22 -16.59
C ARG A 61 -27.18 -24.63 -15.67
N PHE A 62 -27.15 -23.30 -15.56
CA PHE A 62 -26.22 -22.63 -14.66
C PHE A 62 -26.83 -22.54 -13.27
N THR A 63 -26.10 -23.00 -12.25
CA THR A 63 -26.51 -22.84 -10.86
C THR A 63 -25.32 -22.47 -9.99
N GLY A 64 -25.63 -21.88 -8.83
CA GLY A 64 -24.64 -21.58 -7.82
C GLY A 64 -25.18 -21.97 -6.46
N SER A 65 -24.30 -22.36 -5.55
CA SER A 65 -24.71 -22.64 -4.17
C SER A 65 -23.57 -22.34 -3.20
N GLY A 66 -23.91 -22.10 -1.94
CA GLY A 66 -22.91 -21.92 -0.90
C GLY A 66 -23.18 -20.83 0.11
N SER A 67 -22.48 -20.92 1.23
CA SER A 67 -22.60 -19.98 2.33
C SER A 67 -21.28 -19.93 3.08
N GLY A 68 -20.90 -18.75 3.56
CA GLY A 68 -19.71 -18.59 4.39
C GLY A 68 -18.42 -18.56 3.61
N THR A 69 -17.77 -19.73 3.50
CA THR A 69 -16.44 -19.84 2.91
C THR A 69 -16.36 -20.74 1.68
N ASP A 70 -17.34 -21.63 1.49
CA ASP A 70 -17.34 -22.56 0.36
C ASP A 70 -18.49 -22.29 -0.61
N PHE A 71 -18.16 -22.11 -1.88
CA PHE A 71 -19.14 -21.77 -2.90
C PHE A 71 -18.92 -22.65 -4.13
N THR A 72 -20.02 -23.06 -4.77
CA THR A 72 -19.98 -23.94 -5.92
C THR A 72 -20.77 -23.35 -7.09
N PHE A 73 -20.27 -23.57 -8.31
CA PHE A 73 -20.96 -23.19 -9.54
C PHE A 73 -21.05 -24.43 -10.42
N THR A 74 -22.24 -24.73 -10.94
CA THR A 74 -22.49 -25.96 -11.68
C THR A 74 -23.18 -25.74 -13.04
N ILE A 75 -22.66 -26.38 -14.08
CA ILE A 75 -23.35 -26.48 -15.36
C ILE A 75 -23.83 -27.93 -15.48
N SER A 76 -25.14 -28.11 -15.44
CA SER A 76 -25.75 -29.44 -15.42
C SER A 76 -25.50 -30.23 -16.70
N SER A 77 -25.56 -29.54 -17.84
CA SER A 77 -25.25 -30.12 -19.14
C SER A 77 -24.57 -29.07 -20.01
N VAL A 78 -23.28 -29.27 -20.28
CA VAL A 78 -22.48 -28.26 -20.98
C VAL A 78 -22.84 -28.19 -22.47
N GLN A 79 -23.03 -26.97 -22.96
CA GLN A 79 -23.21 -26.69 -24.38
C GLN A 79 -21.89 -26.22 -24.99
N ALA A 80 -21.76 -26.36 -26.31
CA ALA A 80 -20.57 -25.92 -27.04
C ALA A 80 -20.26 -24.44 -26.83
N GLU A 81 -21.30 -23.65 -26.57
CA GLU A 81 -21.20 -22.22 -26.34
C GLU A 81 -20.68 -21.86 -24.95
N ASP A 82 -20.62 -22.83 -24.04
CA ASP A 82 -20.21 -22.58 -22.64
C ASP A 82 -18.68 -22.45 -22.45
N LEU A 83 -17.94 -22.59 -23.54
CA LEU A 83 -16.50 -22.36 -23.59
C LEU A 83 -16.19 -20.92 -23.15
N ALA A 84 -15.58 -20.77 -21.98
CA ALA A 84 -15.28 -19.46 -21.41
C ALA A 84 -14.39 -19.58 -20.18
N VAL A 85 -14.02 -18.44 -19.58
CA VAL A 85 -13.34 -18.43 -18.29
C VAL A 85 -14.37 -17.98 -17.26
N TYR A 86 -14.50 -18.74 -16.18
CA TYR A 86 -15.53 -18.50 -15.16
C TYR A 86 -14.91 -17.97 -13.87
N TYR A 87 -15.38 -16.81 -13.42
CA TYR A 87 -14.86 -16.18 -12.21
C TYR A 87 -15.90 -16.12 -11.11
N CYS A 88 -15.48 -16.33 -9.87
CA CYS A 88 -16.31 -16.01 -8.69
C CYS A 88 -15.82 -14.69 -8.11
N GLN A 89 -16.64 -14.08 -7.27
CA GLN A 89 -16.27 -12.82 -6.62
C GLN A 89 -16.99 -12.70 -5.27
N GLN A 90 -16.30 -12.12 -4.29
CA GLN A 90 -16.90 -11.79 -3.00
C GLN A 90 -17.22 -10.31 -2.96
N HIS A 91 -18.37 -9.97 -2.37
CA HIS A 91 -18.80 -8.57 -2.26
C HIS A 91 -19.30 -8.29 -0.85
N TYR A 92 -18.77 -9.04 0.11
CA TYR A 92 -19.17 -8.94 1.50
C TYR A 92 -18.40 -7.82 2.18
N SER A 93 -17.13 -7.67 1.80
CA SER A 93 -16.26 -6.65 2.37
C SER A 93 -15.30 -6.11 1.33
N THR A 94 -15.05 -4.81 1.40
CA THR A 94 -14.20 -4.12 0.44
C THR A 94 -12.72 -4.34 0.79
N PRO A 95 -11.86 -4.52 -0.22
CA PRO A 95 -12.11 -4.51 -1.65
C PRO A 95 -12.73 -5.82 -2.14
N TRP A 96 -13.61 -5.74 -3.12
CA TRP A 96 -14.34 -6.88 -3.62
C TRP A 96 -13.49 -7.69 -4.58
N THR A 97 -13.06 -8.86 -4.12
CA THR A 97 -12.01 -9.61 -4.78
C THR A 97 -12.58 -10.71 -5.64
N PHE A 98 -11.89 -11.01 -6.74
CA PHE A 98 -12.28 -12.12 -7.63
C PHE A 98 -11.38 -13.31 -7.44
N GLY A 99 -11.92 -14.48 -7.76
CA GLY A 99 -11.11 -15.68 -7.94
C GLY A 99 -10.20 -15.58 -9.16
N GLY A 100 -9.25 -16.52 -9.27
CA GLY A 100 -8.28 -16.55 -10.35
C GLY A 100 -8.83 -17.06 -11.67
N GLY A 101 -10.07 -17.51 -11.66
CA GLY A 101 -10.73 -18.01 -12.86
C GLY A 101 -10.61 -19.52 -13.03
N THR A 102 -11.55 -20.07 -13.78
CA THR A 102 -11.48 -21.45 -14.28
C THR A 102 -11.76 -21.42 -15.78
N LYS A 103 -10.77 -21.84 -16.57
CA LYS A 103 -10.92 -21.88 -18.02
C LYS A 103 -11.54 -23.21 -18.41
N LEU A 104 -12.72 -23.13 -19.02
CA LEU A 104 -13.47 -24.32 -19.40
C LEU A 104 -13.24 -24.66 -20.88
N GLU A 105 -12.69 -25.83 -21.13
CA GLU A 105 -12.42 -26.31 -22.48
C GLU A 105 -13.43 -27.39 -22.86
N ILE A 106 -13.74 -27.48 -24.15
CA ILE A 106 -14.70 -28.47 -24.65
C ILE A 106 -13.98 -29.69 -25.23
N LYS A 107 -14.42 -30.88 -24.81
CA LYS A 107 -13.96 -32.13 -25.41
C LYS A 107 -14.75 -32.41 -26.68
N ARG A 108 -14.05 -32.82 -27.74
CA ARG A 108 -14.67 -33.26 -28.98
C ARG A 108 -13.89 -34.43 -29.55
N ALA A 109 -14.35 -34.96 -30.69
CA ALA A 109 -13.62 -36.01 -31.40
C ALA A 109 -12.28 -35.46 -31.90
N ASP A 110 -11.29 -36.34 -32.02
CA ASP A 110 -9.98 -35.97 -32.53
C ASP A 110 -10.08 -35.50 -33.99
N ALA A 111 -9.42 -34.38 -34.29
CA ALA A 111 -9.44 -33.80 -35.64
C ALA A 111 -8.03 -33.57 -36.14
N ALA A 112 -7.77 -34.05 -37.36
CA ALA A 112 -6.49 -33.87 -38.01
C ALA A 112 -6.45 -32.49 -38.68
N PRO A 113 -5.33 -31.77 -38.55
CA PRO A 113 -5.24 -30.40 -39.05
C PRO A 113 -5.18 -30.28 -40.56
N THR A 114 -5.80 -29.24 -41.11
CA THR A 114 -5.60 -28.89 -42.52
C THR A 114 -4.39 -27.96 -42.60
N VAL A 115 -3.29 -28.49 -43.14
CA VAL A 115 -2.01 -27.81 -43.17
C VAL A 115 -1.80 -27.12 -44.52
N SER A 116 -1.25 -25.91 -44.48
CA SER A 116 -0.97 -25.14 -45.70
C SER A 116 0.22 -24.20 -45.47
N ILE A 117 1.17 -24.26 -46.40
CA ILE A 117 2.40 -23.46 -46.33
C ILE A 117 2.29 -22.28 -47.29
N PHE A 118 2.99 -21.20 -46.96
CA PHE A 118 2.98 -19.99 -47.79
C PHE A 118 4.38 -19.40 -47.94
N PRO A 119 4.85 -19.27 -49.20
CA PRO A 119 6.13 -18.59 -49.44
C PRO A 119 6.00 -17.09 -49.19
N PRO A 120 7.11 -16.43 -48.85
CA PRO A 120 7.11 -14.97 -48.70
C PRO A 120 6.62 -14.28 -49.97
N SER A 121 5.75 -13.29 -49.80
CA SER A 121 5.22 -12.52 -50.91
C SER A 121 6.28 -11.61 -51.50
N SER A 122 6.14 -11.31 -52.79
CA SER A 122 7.08 -10.45 -53.51
C SER A 122 7.21 -9.07 -52.87
N GLU A 123 6.13 -8.63 -52.24
CA GLU A 123 6.06 -7.33 -51.59
C GLU A 123 6.85 -7.29 -50.27
N GLN A 124 6.93 -8.42 -49.57
CA GLN A 124 7.74 -8.52 -48.36
C GLN A 124 9.23 -8.63 -48.70
N LEU A 125 9.54 -9.48 -49.68
CA LEU A 125 10.88 -9.59 -50.24
C LEU A 125 11.47 -8.23 -50.57
N THR A 126 10.66 -7.41 -51.23
CA THR A 126 10.99 -6.02 -51.55
C THR A 126 11.52 -5.23 -50.35
N SER A 127 10.96 -5.51 -49.17
CA SER A 127 11.30 -4.79 -47.94
C SER A 127 12.55 -5.34 -47.22
N GLY A 128 13.04 -6.48 -47.68
CA GLY A 128 14.23 -7.10 -47.09
C GLY A 128 13.94 -8.22 -46.10
N GLY A 129 12.66 -8.44 -45.81
CA GLY A 129 12.22 -9.51 -44.90
C GLY A 129 11.75 -10.74 -45.67
N ALA A 130 11.69 -11.87 -44.96
CA ALA A 130 11.21 -13.13 -45.55
C ALA A 130 10.56 -14.02 -44.49
N SER A 131 9.24 -14.03 -44.45
CA SER A 131 8.48 -14.81 -43.48
C SER A 131 7.73 -15.95 -44.16
N VAL A 132 8.04 -17.18 -43.77
CA VAL A 132 7.34 -18.35 -44.27
C VAL A 132 6.24 -18.73 -43.28
N VAL A 133 4.99 -18.65 -43.72
CA VAL A 133 3.84 -18.91 -42.85
C VAL A 133 3.18 -20.26 -43.14
N CYS A 134 3.11 -21.09 -42.11
CA CYS A 134 2.47 -22.38 -42.18
C CYS A 134 1.21 -22.37 -41.30
N PHE A 135 0.05 -22.59 -41.91
CA PHE A 135 -1.22 -22.68 -41.17
C PHE A 135 -1.59 -24.13 -40.89
N LEU A 136 -2.03 -24.38 -39.66
CA LEU A 136 -2.52 -25.69 -39.23
C LEU A 136 -3.93 -25.45 -38.64
N ASN A 137 -4.95 -25.68 -39.46
CA ASN A 137 -6.30 -25.26 -39.11
C ASN A 137 -7.27 -26.40 -38.76
N ASN A 138 -8.11 -26.14 -37.75
CA ASN A 138 -9.19 -27.03 -37.31
C ASN A 138 -8.74 -28.44 -36.91
N PHE A 139 -8.08 -28.52 -35.76
CA PHE A 139 -7.62 -29.80 -35.22
C PHE A 139 -7.97 -29.94 -33.74
N TYR A 140 -7.96 -31.19 -33.27
CA TYR A 140 -8.15 -31.51 -31.86
C TYR A 140 -7.38 -32.79 -31.50
N PRO A 141 -6.73 -32.83 -30.32
CA PRO A 141 -6.59 -31.79 -29.29
C PRO A 141 -5.59 -30.68 -29.62
N LYS A 142 -5.45 -29.74 -28.69
CA LYS A 142 -4.57 -28.57 -28.84
C LYS A 142 -3.09 -28.95 -28.97
N ASP A 143 -2.69 -30.04 -28.30
CA ASP A 143 -1.31 -30.50 -28.31
C ASP A 143 -0.88 -30.91 -29.72
N ILE A 144 0.08 -30.19 -30.26
CA ILE A 144 0.55 -30.41 -31.63
C ILE A 144 2.03 -30.00 -31.78
N ASN A 145 2.77 -30.72 -32.62
CA ASN A 145 4.18 -30.42 -32.87
C ASN A 145 4.42 -29.93 -34.29
N VAL A 146 5.34 -28.97 -34.42
CA VAL A 146 5.76 -28.48 -35.73
C VAL A 146 7.29 -28.52 -35.82
N LYS A 147 7.78 -29.09 -36.91
CA LYS A 147 9.22 -29.10 -37.20
C LYS A 147 9.45 -28.41 -38.55
N TRP A 148 10.56 -27.69 -38.66
CA TRP A 148 10.91 -26.97 -39.90
C TRP A 148 12.20 -27.55 -40.52
N LYS A 149 12.03 -28.56 -41.36
CA LYS A 149 13.18 -29.21 -42.01
C LYS A 149 13.56 -28.47 -43.30
N ILE A 150 14.40 -27.45 -43.15
CA ILE A 150 14.93 -26.70 -44.30
C ILE A 150 16.09 -27.48 -44.94
N ASP A 151 15.84 -28.01 -46.14
CA ASP A 151 16.79 -28.84 -46.88
C ASP A 151 17.25 -30.09 -46.12
N GLY A 152 16.36 -30.64 -45.28
CA GLY A 152 16.65 -31.84 -44.50
C GLY A 152 17.20 -31.55 -43.11
N SER A 153 17.55 -30.30 -42.85
CA SER A 153 18.10 -29.87 -41.57
C SER A 153 17.06 -29.10 -40.77
N GLU A 154 16.98 -29.39 -39.48
CA GLU A 154 15.98 -28.78 -38.60
C GLU A 154 16.31 -27.32 -38.31
N ARG A 155 15.25 -26.52 -38.12
CA ARG A 155 15.38 -25.10 -37.81
C ARG A 155 14.53 -24.79 -36.59
N GLN A 156 15.14 -24.20 -35.59
CA GLN A 156 14.45 -23.80 -34.35
C GLN A 156 14.48 -22.28 -34.15
N ASN A 157 15.28 -21.58 -34.96
CA ASN A 157 15.41 -20.13 -34.87
C ASN A 157 14.42 -19.44 -35.81
N GLY A 158 13.84 -18.33 -35.34
CA GLY A 158 12.89 -17.56 -36.14
C GLY A 158 11.50 -18.17 -36.21
N VAL A 159 11.31 -19.34 -35.59
CA VAL A 159 10.04 -20.03 -35.62
C VAL A 159 9.15 -19.52 -34.49
N LEU A 160 7.99 -18.97 -34.86
CA LEU A 160 7.03 -18.45 -33.90
C LEU A 160 5.67 -19.10 -34.14
N ASN A 161 5.10 -19.67 -33.08
CA ASN A 161 3.82 -20.36 -33.17
C ASN A 161 2.72 -19.61 -32.40
N SER A 162 1.48 -19.72 -32.87
CA SER A 162 0.34 -19.04 -32.26
C SER A 162 -0.95 -19.82 -32.43
N TRP A 163 -1.51 -20.26 -31.29
CA TRP A 163 -2.77 -20.98 -31.26
C TRP A 163 -3.96 -20.02 -31.19
N THR A 164 -5.05 -20.38 -31.86
CA THR A 164 -6.30 -19.63 -31.81
C THR A 164 -7.10 -20.08 -30.59
N ASP A 165 -8.07 -19.26 -30.20
CA ASP A 165 -9.03 -19.67 -29.18
C ASP A 165 -9.94 -20.77 -29.73
N GLN A 166 -10.26 -21.75 -28.89
CA GLN A 166 -11.07 -22.88 -29.31
C GLN A 166 -12.39 -22.40 -29.93
N ASP A 167 -12.74 -23.00 -31.07
CA ASP A 167 -13.93 -22.60 -31.82
C ASP A 167 -15.21 -22.82 -31.02
N SER A 168 -16.09 -21.82 -31.01
CA SER A 168 -17.35 -21.88 -30.26
C SER A 168 -18.40 -22.77 -30.96
N LYS A 169 -18.19 -23.06 -32.25
CA LYS A 169 -19.09 -23.92 -33.02
C LYS A 169 -18.65 -25.38 -32.95
N ASP A 170 -17.55 -25.70 -33.62
CA ASP A 170 -17.09 -27.08 -33.78
C ASP A 170 -15.94 -27.47 -32.84
N SER A 171 -15.67 -26.63 -31.84
CA SER A 171 -14.75 -26.96 -30.73
C SER A 171 -13.30 -27.22 -31.16
N THR A 172 -12.89 -26.70 -32.31
CA THR A 172 -11.56 -26.99 -32.85
C THR A 172 -10.56 -25.85 -32.60
N TYR A 173 -9.28 -26.21 -32.66
CA TYR A 173 -8.18 -25.26 -32.55
C TYR A 173 -7.52 -25.08 -33.91
N SER A 174 -7.03 -23.88 -34.16
CA SER A 174 -6.17 -23.62 -35.31
C SER A 174 -4.85 -23.05 -34.79
N MET A 175 -3.77 -23.28 -35.52
CA MET A 175 -2.44 -22.84 -35.11
C MET A 175 -1.58 -22.43 -36.29
N SER A 176 -1.00 -21.23 -36.20
CA SER A 176 -0.09 -20.74 -37.24
C SER A 176 1.34 -20.93 -36.77
N SER A 177 2.20 -21.34 -37.70
CA SER A 177 3.65 -21.39 -37.46
C SER A 177 4.32 -20.48 -38.48
N THR A 178 5.10 -19.53 -37.99
CA THR A 178 5.78 -18.57 -38.87
C THR A 178 7.30 -18.69 -38.72
N LEU A 179 7.98 -18.98 -39.84
CA LEU A 179 9.44 -18.96 -39.87
C LEU A 179 9.90 -17.65 -40.48
N THR A 180 10.40 -16.75 -39.63
CA THR A 180 10.90 -15.46 -40.10
C THR A 180 12.42 -15.48 -40.21
N LEU A 181 12.92 -14.91 -41.30
CA LEU A 181 14.37 -14.72 -41.51
C LEU A 181 14.60 -13.59 -42.50
N THR A 182 15.88 -13.26 -42.73
CA THR A 182 16.24 -12.20 -43.68
C THR A 182 16.05 -12.68 -45.12
N LYS A 183 15.96 -11.73 -46.05
CA LYS A 183 15.78 -12.05 -47.47
C LYS A 183 16.89 -12.93 -48.02
N ASP A 184 18.14 -12.58 -47.75
CA ASP A 184 19.28 -13.33 -48.27
C ASP A 184 19.44 -14.71 -47.61
N GLU A 185 18.93 -14.86 -46.38
CA GLU A 185 18.85 -16.18 -45.75
C GLU A 185 17.85 -17.07 -46.48
N TYR A 186 16.75 -16.47 -46.92
CA TYR A 186 15.74 -17.16 -47.72
C TYR A 186 16.29 -17.55 -49.11
N GLU A 187 17.19 -16.72 -49.65
CA GLU A 187 17.74 -16.96 -51.00
C GLU A 187 18.82 -18.04 -51.04
N ARG A 188 19.41 -18.38 -49.90
CA ARG A 188 20.51 -19.36 -49.87
C ARG A 188 20.05 -20.81 -49.90
N HIS A 189 18.80 -21.05 -49.49
CA HIS A 189 18.22 -22.40 -49.46
C HIS A 189 17.11 -22.50 -50.51
N ASN A 190 16.58 -23.71 -50.70
CA ASN A 190 15.53 -23.92 -51.70
C ASN A 190 14.28 -24.62 -51.16
N SER A 191 14.44 -25.79 -50.56
CA SER A 191 13.31 -26.59 -50.10
C SER A 191 12.90 -26.23 -48.66
N TYR A 192 11.70 -25.68 -48.52
CA TYR A 192 11.15 -25.28 -47.23
C TYR A 192 9.95 -26.17 -46.88
N THR A 193 10.03 -26.84 -45.73
CA THR A 193 9.01 -27.78 -45.31
C THR A 193 8.52 -27.48 -43.89
N CYS A 194 7.20 -27.47 -43.70
CA CYS A 194 6.61 -27.48 -42.36
C CYS A 194 5.83 -28.79 -42.19
N GLU A 195 6.25 -29.59 -41.21
CA GLU A 195 5.68 -30.89 -40.92
C GLU A 195 4.90 -30.85 -39.60
N ALA A 196 3.68 -31.37 -39.61
CA ALA A 196 2.81 -31.36 -38.43
C ALA A 196 2.78 -32.75 -37.79
N THR A 197 3.45 -32.88 -36.65
CA THR A 197 3.40 -34.11 -35.86
C THR A 197 2.26 -34.01 -34.84
N HIS A 198 1.27 -34.88 -35.01
CA HIS A 198 0.08 -34.89 -34.17
C HIS A 198 -0.26 -36.36 -33.86
N LYS A 199 -0.96 -36.58 -32.75
CA LYS A 199 -1.24 -37.95 -32.28
C LYS A 199 -2.23 -38.72 -33.16
N THR A 200 -2.98 -38.00 -33.99
CA THR A 200 -3.99 -38.62 -34.87
C THR A 200 -3.37 -39.42 -36.02
N SER A 201 -2.11 -39.15 -36.35
CA SER A 201 -1.41 -39.89 -37.40
C SER A 201 0.08 -39.99 -37.09
N THR A 202 0.61 -41.22 -37.21
CA THR A 202 2.04 -41.46 -37.02
C THR A 202 2.84 -40.78 -38.13
N SER A 203 2.38 -40.94 -39.37
CA SER A 203 2.97 -40.25 -40.51
C SER A 203 2.58 -38.77 -40.47
N PRO A 204 3.57 -37.88 -40.23
CA PRO A 204 3.28 -36.45 -40.10
C PRO A 204 2.82 -35.85 -41.42
N ILE A 205 1.92 -34.86 -41.34
CA ILE A 205 1.43 -34.16 -42.53
C ILE A 205 2.46 -33.16 -43.03
N VAL A 206 2.95 -33.38 -44.24
CA VAL A 206 3.99 -32.55 -44.84
C VAL A 206 3.39 -31.53 -45.81
N LYS A 207 3.96 -30.33 -45.82
CA LYS A 207 3.64 -29.33 -46.84
C LYS A 207 4.91 -28.54 -47.17
N SER A 208 5.24 -28.47 -48.45
CA SER A 208 6.50 -27.88 -48.90
C SER A 208 6.38 -27.06 -50.17
N PHE A 209 7.42 -26.27 -50.44
CA PHE A 209 7.57 -25.54 -51.70
C PHE A 209 9.05 -25.31 -52.01
N ASN A 210 9.33 -24.97 -53.27
CA ASN A 210 10.66 -24.48 -53.67
C ASN A 210 10.59 -22.99 -54.02
N ARG A 211 11.65 -22.25 -53.69
CA ARG A 211 11.70 -20.78 -53.85
C ARG A 211 11.17 -20.25 -55.19
N ASN A 212 11.57 -20.87 -56.29
CA ASN A 212 11.08 -20.52 -57.62
C ASN A 212 10.40 -21.72 -58.30
N GLU A 213 9.08 -21.65 -58.42
CA GLU A 213 8.30 -22.71 -59.06
C GLU A 213 7.37 -22.12 -60.11
N GLU B 1 -31.82 0.44 -23.35
CA GLU B 1 -31.13 -0.39 -22.34
C GLU B 1 -29.96 0.37 -21.74
N VAL B 2 -29.47 -0.10 -20.59
CA VAL B 2 -28.28 0.49 -19.96
C VAL B 2 -27.08 0.15 -20.82
N LYS B 3 -26.26 1.15 -21.12
CA LYS B 3 -25.04 0.95 -21.91
C LYS B 3 -23.87 1.73 -21.33
N LEU B 4 -22.70 1.08 -21.30
CA LEU B 4 -21.46 1.71 -20.86
C LEU B 4 -20.47 1.65 -22.03
N GLN B 5 -20.09 2.82 -22.53
CA GLN B 5 -19.23 2.90 -23.71
C GLN B 5 -17.91 3.56 -23.32
N GLN B 6 -16.85 2.75 -23.35
CA GLN B 6 -15.51 3.19 -22.98
C GLN B 6 -14.69 3.68 -24.16
N SER B 7 -13.60 4.37 -23.85
CA SER B 7 -12.77 5.04 -24.85
C SER B 7 -11.78 4.07 -25.50
N GLY B 8 -11.10 4.54 -26.54
CA GLY B 8 -10.24 3.69 -27.35
C GLY B 8 -8.95 3.33 -26.67
N PRO B 9 -8.16 2.41 -27.27
CA PRO B 9 -6.88 1.98 -26.70
C PRO B 9 -5.85 3.09 -26.62
N GLU B 10 -4.99 3.04 -25.61
CA GLU B 10 -3.98 4.04 -25.38
C GLU B 10 -2.58 3.44 -25.26
N LEU B 11 -1.60 4.15 -25.84
CA LEU B 11 -0.19 3.89 -25.55
C LEU B 11 0.33 5.10 -24.81
N VAL B 12 0.92 4.85 -23.64
CA VAL B 12 1.36 5.91 -22.75
C VAL B 12 2.74 5.54 -22.15
N LYS B 13 3.61 6.53 -21.98
CA LYS B 13 4.97 6.28 -21.51
C LYS B 13 5.07 6.00 -20.01
N PRO B 14 6.02 5.14 -19.60
CA PRO B 14 6.20 4.92 -18.18
C PRO B 14 6.53 6.21 -17.44
N GLY B 15 5.86 6.41 -16.29
CA GLY B 15 6.01 7.63 -15.50
C GLY B 15 4.96 8.69 -15.79
N ALA B 16 4.30 8.57 -16.94
CA ALA B 16 3.28 9.52 -17.36
C ALA B 16 1.90 9.16 -16.77
N SER B 17 0.87 9.87 -17.21
CA SER B 17 -0.51 9.59 -16.80
C SER B 17 -1.40 9.35 -18.01
N VAL B 18 -2.50 8.62 -17.79
CA VAL B 18 -3.52 8.42 -18.82
C VAL B 18 -4.90 8.55 -18.17
N LYS B 19 -5.85 9.09 -18.94
CA LYS B 19 -7.22 9.29 -18.50
C LYS B 19 -8.17 8.59 -19.45
N ILE B 20 -8.92 7.63 -18.91
CA ILE B 20 -9.89 6.81 -19.64
C ILE B 20 -11.30 7.27 -19.29
N SER B 21 -12.24 7.08 -20.22
CA SER B 21 -13.60 7.54 -20.05
C SER B 21 -14.62 6.43 -20.25
N CYS B 22 -15.77 6.59 -19.59
CA CYS B 22 -16.85 5.62 -19.62
C CYS B 22 -18.18 6.36 -19.73
N LYS B 23 -18.66 6.48 -20.97
CA LYS B 23 -19.91 7.15 -21.29
C LYS B 23 -21.10 6.24 -21.01
N ALA B 24 -21.98 6.69 -20.13
CA ALA B 24 -23.16 5.95 -19.70
C ALA B 24 -24.41 6.49 -20.41
N SER B 25 -25.37 5.60 -20.69
CA SER B 25 -26.61 5.98 -21.35
C SER B 25 -27.75 5.01 -21.01
N GLY B 26 -28.99 5.48 -21.16
CA GLY B 26 -30.19 4.67 -20.93
C GLY B 26 -30.70 4.63 -19.50
N TYR B 27 -30.16 5.47 -18.63
CA TYR B 27 -30.62 5.57 -17.23
C TYR B 27 -30.21 6.89 -16.58
N SER B 28 -30.65 7.10 -15.34
CA SER B 28 -30.24 8.28 -14.55
C SER B 28 -28.82 8.14 -14.01
N PHE B 29 -27.91 8.90 -14.61
CA PHE B 29 -26.46 8.80 -14.34
C PHE B 29 -26.08 8.96 -12.85
N THR B 30 -26.81 9.80 -12.13
CA THR B 30 -26.51 10.07 -10.73
C THR B 30 -27.14 9.00 -9.80
N SER B 31 -27.89 8.06 -10.37
CA SER B 31 -28.57 7.05 -9.58
C SER B 31 -27.69 5.86 -9.18
N TYR B 32 -26.60 5.64 -9.92
CA TYR B 32 -25.72 4.50 -9.69
C TYR B 32 -24.25 4.87 -9.61
N TYR B 33 -23.51 4.07 -8.84
CA TYR B 33 -22.06 4.10 -8.86
C TYR B 33 -21.52 3.67 -10.23
N ILE B 34 -20.30 4.10 -10.53
CA ILE B 34 -19.55 3.59 -11.67
C ILE B 34 -18.30 2.96 -11.10
N HIS B 35 -18.16 1.65 -11.30
CA HIS B 35 -17.03 0.87 -10.79
C HIS B 35 -15.98 0.72 -11.86
N TRP B 36 -14.73 0.63 -11.44
CA TRP B 36 -13.62 0.40 -12.36
C TRP B 36 -12.93 -0.90 -11.98
N VAL B 37 -12.56 -1.67 -13.01
CA VAL B 37 -12.00 -3.01 -12.82
C VAL B 37 -10.81 -3.21 -13.75
N LYS B 38 -9.76 -3.86 -13.23
CA LYS B 38 -8.51 -4.06 -13.96
C LYS B 38 -8.33 -5.52 -14.35
N GLN B 39 -7.93 -5.73 -15.60
CA GLN B 39 -7.76 -7.07 -16.15
C GLN B 39 -6.38 -7.25 -16.81
N ARG B 40 -5.51 -8.02 -16.17
CA ARG B 40 -4.26 -8.46 -16.76
C ARG B 40 -4.36 -9.96 -17.11
N PRO B 41 -3.72 -10.38 -18.22
CA PRO B 41 -3.79 -11.77 -18.70
C PRO B 41 -3.49 -12.88 -17.68
N GLY B 42 -2.50 -12.66 -16.81
CA GLY B 42 -2.10 -13.66 -15.82
C GLY B 42 -2.42 -13.29 -14.38
N GLN B 43 -3.14 -12.18 -14.19
CA GLN B 43 -3.46 -11.67 -12.85
C GLN B 43 -4.95 -11.75 -12.51
N GLY B 44 -5.80 -11.93 -13.52
CA GLY B 44 -7.24 -12.02 -13.31
C GLY B 44 -7.91 -10.65 -13.24
N LEU B 45 -8.90 -10.52 -12.37
CA LEU B 45 -9.71 -9.31 -12.26
C LEU B 45 -9.48 -8.62 -10.92
N GLU B 46 -9.39 -7.28 -10.94
CA GLU B 46 -9.20 -6.48 -9.72
C GLU B 46 -10.10 -5.26 -9.71
N TRP B 47 -10.82 -5.08 -8.61
CA TRP B 47 -11.65 -3.90 -8.44
C TRP B 47 -10.82 -2.73 -7.92
N ILE B 48 -10.95 -1.60 -8.62
CA ILE B 48 -10.13 -0.44 -8.37
C ILE B 48 -10.85 0.53 -7.42
N GLY B 49 -12.09 0.84 -7.73
CA GLY B 49 -12.88 1.78 -6.93
C GLY B 49 -14.16 2.20 -7.64
N TRP B 50 -14.96 3.03 -6.97
CA TRP B 50 -16.13 3.66 -7.63
C TRP B 50 -16.19 5.19 -7.51
N VAL B 51 -17.04 5.76 -8.36
CA VAL B 51 -17.43 7.15 -8.28
C VAL B 51 -18.96 7.24 -8.27
N PHE B 52 -19.51 8.14 -7.45
CA PHE B 52 -20.94 8.42 -7.44
C PHE B 52 -21.14 9.76 -8.16
N PRO B 53 -21.59 9.72 -9.43
CA PRO B 53 -21.68 10.95 -10.22
C PRO B 53 -22.68 11.94 -9.64
N GLY B 54 -22.29 13.20 -9.57
CA GLY B 54 -23.13 14.25 -8.98
C GLY B 54 -22.39 14.89 -7.83
N SER B 55 -22.37 14.20 -6.70
CA SER B 55 -21.50 14.59 -5.59
C SER B 55 -20.04 14.39 -5.98
N GLY B 56 -19.78 13.37 -6.77
CA GLY B 56 -18.40 12.96 -7.06
C GLY B 56 -17.80 12.17 -5.92
N ASN B 57 -18.64 11.65 -5.03
CA ASN B 57 -18.19 10.79 -3.96
C ASN B 57 -17.44 9.60 -4.52
N THR B 58 -16.47 9.13 -3.75
CA THR B 58 -15.48 8.22 -4.27
C THR B 58 -15.14 7.15 -3.21
N LYS B 59 -14.71 5.97 -3.67
CA LYS B 59 -14.15 4.94 -2.78
C LYS B 59 -13.10 4.15 -3.55
N TYR B 60 -11.97 3.84 -2.90
CA TYR B 60 -10.90 3.11 -3.53
C TYR B 60 -10.51 1.82 -2.82
N ASN B 61 -10.02 0.89 -3.63
CA ASN B 61 -9.18 -0.23 -3.18
C ASN B 61 -7.91 0.38 -2.60
N GLU B 62 -7.50 -0.08 -1.42
CA GLU B 62 -6.24 0.34 -0.80
C GLU B 62 -5.08 0.29 -1.79
N LYS B 63 -5.13 -0.73 -2.65
CA LYS B 63 -4.08 -0.98 -3.64
C LYS B 63 -3.95 0.13 -4.67
N PHE B 64 -5.04 0.83 -4.93
CA PHE B 64 -5.08 1.83 -5.98
C PHE B 64 -5.26 3.27 -5.46
N LYS B 65 -5.24 3.45 -4.14
CA LYS B 65 -5.61 4.73 -3.53
C LYS B 65 -4.79 5.92 -4.04
N GLY B 66 -3.51 5.70 -4.31
CA GLY B 66 -2.65 6.76 -4.87
C GLY B 66 -2.52 6.69 -6.39
N LYS B 67 -2.79 5.51 -6.95
CA LYS B 67 -2.59 5.23 -8.36
C LYS B 67 -3.74 5.78 -9.23
N ALA B 68 -4.97 5.66 -8.73
CA ALA B 68 -6.17 5.99 -9.50
C ALA B 68 -6.89 7.21 -8.94
N THR B 69 -7.43 8.02 -9.84
CA THR B 69 -8.32 9.10 -9.49
C THR B 69 -9.58 9.03 -10.34
N LEU B 70 -10.72 8.91 -9.67
CA LEU B 70 -12.02 8.70 -10.31
C LEU B 70 -12.88 9.96 -10.22
N THR B 71 -13.41 10.40 -11.37
CA THR B 71 -14.30 11.55 -11.43
C THR B 71 -15.43 11.23 -12.38
N ALA B 72 -16.47 12.07 -12.38
CA ALA B 72 -17.59 11.93 -13.31
C ALA B 72 -18.14 13.31 -13.69
N ASP B 73 -18.53 13.46 -14.95
CA ASP B 73 -19.16 14.70 -15.44
C ASP B 73 -20.61 14.44 -15.82
N THR B 74 -21.50 14.96 -14.99
CA THR B 74 -22.95 14.79 -15.12
C THR B 74 -23.51 15.36 -16.43
N SER B 75 -22.90 16.41 -16.94
CA SER B 75 -23.37 17.05 -18.16
C SER B 75 -23.16 16.17 -19.41
N SER B 76 -22.07 15.42 -19.45
CA SER B 76 -21.77 14.53 -20.57
C SER B 76 -22.00 13.05 -20.22
N SER B 77 -22.50 12.78 -19.00
CA SER B 77 -22.81 11.43 -18.54
C SER B 77 -21.63 10.46 -18.67
N THR B 78 -20.44 10.96 -18.35
CA THR B 78 -19.22 10.17 -18.48
C THR B 78 -18.37 10.21 -17.22
N ALA B 79 -17.96 9.02 -16.79
CA ALA B 79 -17.06 8.82 -15.67
C ALA B 79 -15.65 8.74 -16.24
N TYR B 80 -14.66 9.08 -15.40
CA TYR B 80 -13.26 9.05 -15.81
C TYR B 80 -12.43 8.32 -14.78
N MET B 81 -11.34 7.71 -15.25
CA MET B 81 -10.30 7.19 -14.36
C MET B 81 -8.94 7.65 -14.88
N GLN B 82 -8.20 8.32 -14.01
CA GLN B 82 -6.85 8.77 -14.30
C GLN B 82 -5.87 7.84 -13.60
N LEU B 83 -4.88 7.36 -14.35
CA LEU B 83 -3.81 6.54 -13.81
C LEU B 83 -2.50 7.32 -13.91
N SER B 84 -1.81 7.48 -12.79
CA SER B 84 -0.59 8.27 -12.71
C SER B 84 0.62 7.39 -12.40
N SER B 85 1.81 7.94 -12.67
CA SER B 85 3.10 7.27 -12.39
C SER B 85 3.13 5.85 -12.95
N LEU B 86 2.88 5.74 -14.26
CA LEU B 86 2.64 4.46 -14.91
C LEU B 86 3.87 3.56 -15.08
N THR B 87 3.63 2.28 -14.87
CA THR B 87 4.63 1.23 -15.01
C THR B 87 4.04 0.18 -15.94
N SER B 88 4.87 -0.71 -16.48
CA SER B 88 4.34 -1.81 -17.30
C SER B 88 3.32 -2.68 -16.53
N GLU B 89 3.38 -2.66 -15.19
CA GLU B 89 2.39 -3.33 -14.34
C GLU B 89 0.98 -2.74 -14.47
N ASP B 90 0.90 -1.50 -14.97
CA ASP B 90 -0.38 -0.85 -15.21
C ASP B 90 -0.98 -1.18 -16.59
N SER B 91 -0.19 -1.81 -17.45
CA SER B 91 -0.70 -2.29 -18.73
C SER B 91 -1.77 -3.35 -18.44
N ALA B 92 -2.98 -3.10 -18.95
CA ALA B 92 -4.12 -3.97 -18.69
C ALA B 92 -5.31 -3.51 -19.52
N VAL B 93 -6.33 -4.36 -19.59
CA VAL B 93 -7.65 -3.95 -20.07
C VAL B 93 -8.43 -3.45 -18.86
N TYR B 94 -8.93 -2.22 -18.94
CA TYR B 94 -9.66 -1.59 -17.85
C TYR B 94 -11.13 -1.49 -18.23
N PHE B 95 -11.99 -1.96 -17.31
CA PHE B 95 -13.44 -1.94 -17.51
C PHE B 95 -14.10 -0.94 -16.57
N CYS B 96 -15.25 -0.42 -17.01
CA CYS B 96 -16.18 0.23 -16.12
C CYS B 96 -17.40 -0.68 -15.97
N ALA B 97 -18.00 -0.68 -14.79
CA ALA B 97 -19.16 -1.52 -14.51
C ALA B 97 -20.20 -0.78 -13.67
N ARG B 98 -21.40 -1.33 -13.64
CA ARG B 98 -22.52 -0.77 -12.91
C ARG B 98 -23.37 -1.93 -12.37
N GLY B 99 -23.91 -1.75 -11.17
CA GLY B 99 -24.75 -2.77 -10.55
C GLY B 99 -26.21 -2.61 -10.90
N ASN B 100 -26.99 -3.64 -10.65
CA ASN B 100 -28.42 -3.63 -10.93
C ASN B 100 -29.22 -3.48 -9.63
N TYR B 101 -30.08 -4.46 -9.32
CA TYR B 101 -30.97 -4.40 -8.18
C TYR B 101 -30.34 -5.02 -6.93
N ASP B 102 -30.28 -4.23 -5.86
CA ASP B 102 -29.98 -4.70 -4.52
C ASP B 102 -28.61 -5.44 -4.42
N ARG B 103 -28.56 -6.71 -4.78
CA ARG B 103 -27.35 -7.54 -4.61
C ARG B 103 -26.74 -7.97 -5.95
N ALA B 104 -27.33 -7.52 -7.06
CA ALA B 104 -26.83 -7.83 -8.38
C ALA B 104 -25.78 -6.81 -8.83
N TRP B 105 -24.65 -6.77 -8.12
CA TRP B 105 -23.56 -5.86 -8.48
C TRP B 105 -22.83 -6.32 -9.74
N PHE B 106 -22.15 -5.36 -10.38
CA PHE B 106 -21.39 -5.62 -11.61
C PHE B 106 -22.25 -6.35 -12.65
N ALA B 107 -23.45 -5.84 -12.88
CA ALA B 107 -24.41 -6.44 -13.83
C ALA B 107 -24.17 -5.92 -15.23
N TYR B 108 -23.72 -4.67 -15.32
CA TYR B 108 -23.49 -4.02 -16.60
C TYR B 108 -22.01 -3.69 -16.73
N TRP B 109 -21.44 -4.01 -17.89
CA TRP B 109 -20.01 -3.79 -18.13
C TRP B 109 -19.78 -2.89 -19.33
N GLY B 110 -18.67 -2.17 -19.31
CA GLY B 110 -18.16 -1.51 -20.52
C GLY B 110 -17.46 -2.54 -21.41
N GLN B 111 -17.08 -2.15 -22.63
CA GLN B 111 -16.40 -3.06 -23.56
C GLN B 111 -14.90 -3.24 -23.25
N GLY B 112 -14.36 -2.40 -22.39
CA GLY B 112 -12.96 -2.48 -22.00
C GLY B 112 -12.11 -1.44 -22.70
N THR B 113 -11.04 -1.01 -22.03
CA THR B 113 -10.03 -0.13 -22.64
C THR B 113 -8.65 -0.71 -22.41
N LEU B 114 -7.94 -1.00 -23.50
CA LEU B 114 -6.58 -1.51 -23.42
C LEU B 114 -5.63 -0.36 -23.24
N VAL B 115 -4.90 -0.38 -22.13
CA VAL B 115 -3.85 0.58 -21.88
C VAL B 115 -2.52 -0.14 -21.99
N THR B 116 -1.64 0.42 -22.79
CA THR B 116 -0.29 -0.07 -22.95
C THR B 116 0.66 1.01 -22.47
N VAL B 117 1.44 0.68 -21.44
CA VAL B 117 2.53 1.54 -21.00
C VAL B 117 3.88 1.01 -21.49
N SER B 118 4.51 1.80 -22.34
CA SER B 118 5.80 1.47 -22.94
C SER B 118 6.49 2.70 -23.49
N ALA B 119 7.81 2.65 -23.56
CA ALA B 119 8.61 3.70 -24.19
C ALA B 119 8.75 3.47 -25.70
N ALA B 120 8.26 2.34 -26.20
CA ALA B 120 8.40 1.96 -27.60
C ALA B 120 7.55 2.84 -28.51
N LYS B 121 8.02 3.03 -29.74
CA LYS B 121 7.38 3.90 -30.71
C LYS B 121 6.17 3.24 -31.36
N THR B 122 5.13 4.03 -31.58
CA THR B 122 3.98 3.60 -32.38
C THR B 122 4.43 3.35 -33.82
N THR B 123 4.21 2.11 -34.28
CA THR B 123 4.59 1.70 -35.63
C THR B 123 3.38 1.10 -36.33
N PRO B 124 3.06 1.58 -37.55
CA PRO B 124 1.99 0.95 -38.29
C PRO B 124 2.36 -0.44 -38.83
N PRO B 125 1.35 -1.29 -39.09
CA PRO B 125 1.61 -2.63 -39.59
C PRO B 125 2.00 -2.66 -41.06
N SER B 126 2.79 -3.65 -41.43
CA SER B 126 3.02 -3.96 -42.84
C SER B 126 2.21 -5.21 -43.15
N VAL B 127 1.32 -5.10 -44.13
CA VAL B 127 0.37 -6.18 -44.46
C VAL B 127 0.71 -6.84 -45.79
N TYR B 128 0.91 -8.15 -45.76
CA TYR B 128 1.35 -8.90 -46.93
C TYR B 128 0.34 -10.00 -47.34
N PRO B 129 -0.07 -10.00 -48.62
CA PRO B 129 -1.04 -11.00 -49.09
C PRO B 129 -0.43 -12.39 -49.21
N LEU B 130 -1.13 -13.41 -48.71
CA LEU B 130 -0.63 -14.78 -48.74
C LEU B 130 -1.49 -15.68 -49.63
N ALA B 131 -0.92 -16.09 -50.76
CA ALA B 131 -1.61 -16.92 -51.75
C ALA B 131 -0.88 -18.25 -51.89
N PRO B 132 -1.60 -19.31 -52.29
CA PRO B 132 -0.97 -20.59 -52.58
C PRO B 132 -0.07 -20.53 -53.81
N SER B 140 -13.21 -28.64 -53.97
CA SER B 140 -12.04 -28.21 -53.20
C SER B 140 -12.28 -26.88 -52.50
N MET B 141 -11.52 -26.65 -51.42
CA MET B 141 -11.49 -25.37 -50.74
C MET B 141 -10.06 -24.84 -50.75
N VAL B 142 -9.92 -23.52 -50.88
CA VAL B 142 -8.61 -22.88 -50.89
C VAL B 142 -8.41 -21.99 -49.67
N THR B 143 -7.31 -22.22 -48.96
CA THR B 143 -6.95 -21.41 -47.80
C THR B 143 -6.11 -20.20 -48.23
N LEU B 144 -6.60 -19.01 -47.90
CA LEU B 144 -5.87 -17.78 -48.16
C LEU B 144 -5.43 -17.20 -46.83
N GLY B 145 -4.34 -16.42 -46.85
CA GLY B 145 -3.79 -15.84 -45.65
C GLY B 145 -3.59 -14.34 -45.75
N CYS B 146 -3.10 -13.76 -44.66
CA CYS B 146 -2.81 -12.33 -44.59
C CYS B 146 -1.82 -12.10 -43.45
N LEU B 147 -0.60 -11.69 -43.79
CA LEU B 147 0.46 -11.46 -42.82
C LEU B 147 0.49 -10.01 -42.37
N VAL B 148 0.33 -9.78 -41.07
CA VAL B 148 0.30 -8.43 -40.49
C VAL B 148 1.47 -8.25 -39.53
N LYS B 149 2.54 -7.63 -40.03
CA LYS B 149 3.85 -7.68 -39.40
C LYS B 149 4.37 -6.32 -38.95
N GLY B 150 5.08 -6.31 -37.83
CA GLY B 150 5.87 -5.16 -37.42
C GLY B 150 5.12 -3.94 -36.94
N TYR B 151 4.08 -4.14 -36.13
CA TYR B 151 3.32 -3.01 -35.60
C TYR B 151 3.41 -2.88 -34.09
N PHE B 152 3.24 -1.65 -33.59
CA PHE B 152 3.15 -1.39 -32.16
C PHE B 152 2.28 -0.16 -31.88
N PRO B 153 1.40 -0.23 -30.86
CA PRO B 153 1.08 -1.36 -30.00
C PRO B 153 -0.14 -2.10 -30.47
N GLU B 154 -0.63 -3.01 -29.63
CA GLU B 154 -1.92 -3.66 -29.83
C GLU B 154 -3.04 -2.62 -29.62
N PRO B 155 -4.23 -2.86 -30.21
CA PRO B 155 -4.56 -3.98 -31.06
C PRO B 155 -4.56 -3.67 -32.56
N VAL B 156 -4.78 -4.72 -33.33
CA VAL B 156 -5.10 -4.62 -34.74
C VAL B 156 -6.37 -5.44 -34.94
N THR B 157 -7.30 -4.94 -35.74
CA THR B 157 -8.49 -5.71 -36.13
C THR B 157 -8.44 -6.07 -37.62
N VAL B 158 -8.71 -7.34 -37.90
CA VAL B 158 -8.64 -7.87 -39.26
C VAL B 158 -10.02 -8.36 -39.68
N THR B 159 -10.55 -7.80 -40.77
CA THR B 159 -11.77 -8.32 -41.38
C THR B 159 -11.51 -8.76 -42.82
N TRP B 160 -12.30 -9.74 -43.25
CA TRP B 160 -12.22 -10.29 -44.60
C TRP B 160 -13.46 -9.89 -45.40
N ASN B 161 -13.23 -9.20 -46.52
CA ASN B 161 -14.29 -8.63 -47.36
C ASN B 161 -15.21 -7.69 -46.57
N SER B 162 -14.60 -6.92 -45.67
CA SER B 162 -15.33 -6.08 -44.71
C SER B 162 -16.28 -6.92 -43.84
N GLY B 163 -15.76 -8.04 -43.33
CA GLY B 163 -16.51 -8.91 -42.41
C GLY B 163 -17.60 -9.72 -43.06
N SER B 164 -17.49 -9.97 -44.36
CA SER B 164 -18.50 -10.71 -45.11
C SER B 164 -18.18 -12.20 -45.22
N LEU B 165 -16.89 -12.53 -45.20
CA LEU B 165 -16.44 -13.93 -45.26
C LEU B 165 -16.03 -14.44 -43.88
N SER B 166 -16.74 -14.01 -42.84
CA SER B 166 -16.39 -14.36 -41.46
C SER B 166 -16.77 -15.80 -41.08
N SER B 167 -16.78 -16.71 -42.05
CA SER B 167 -17.11 -18.11 -41.80
C SER B 167 -15.84 -18.92 -41.53
N GLY B 168 -14.98 -19.01 -42.54
CA GLY B 168 -13.77 -19.84 -42.44
C GLY B 168 -12.53 -19.06 -42.05
N VAL B 169 -12.69 -18.08 -41.16
CA VAL B 169 -11.60 -17.19 -40.77
C VAL B 169 -10.99 -17.63 -39.44
N HIS B 170 -9.66 -17.63 -39.39
CA HIS B 170 -8.93 -17.92 -38.17
C HIS B 170 -7.84 -16.88 -37.97
N THR B 171 -8.15 -15.83 -37.19
CA THR B 171 -7.17 -14.78 -36.90
C THR B 171 -6.44 -15.10 -35.60
N PHE B 172 -5.11 -15.17 -35.68
CA PHE B 172 -4.30 -15.68 -34.59
C PHE B 172 -3.78 -14.56 -33.71
N PRO B 173 -3.61 -14.83 -32.40
CA PRO B 173 -3.04 -13.84 -31.49
C PRO B 173 -1.64 -13.39 -31.91
N ALA B 174 -1.35 -12.11 -31.74
CA ALA B 174 -0.06 -11.53 -32.11
C ALA B 174 1.05 -11.95 -31.15
N VAL B 175 2.26 -11.96 -31.68
CA VAL B 175 3.46 -12.28 -30.89
C VAL B 175 4.34 -11.03 -30.82
N LEU B 176 4.80 -10.70 -29.61
CA LEU B 176 5.68 -9.55 -29.42
C LEU B 176 7.14 -9.96 -29.52
N GLN B 177 7.87 -9.25 -30.38
CA GLN B 177 9.29 -9.51 -30.64
C GLN B 177 10.01 -8.16 -30.79
N SER B 178 10.95 -7.90 -29.88
CA SER B 178 11.71 -6.64 -29.87
C SER B 178 10.83 -5.41 -30.17
N ASP B 179 9.80 -5.23 -29.34
CA ASP B 179 8.88 -4.08 -29.39
C ASP B 179 8.04 -3.96 -30.67
N LEU B 180 7.85 -5.07 -31.37
CA LEU B 180 6.97 -5.10 -32.54
C LEU B 180 6.09 -6.35 -32.52
N TYR B 181 4.81 -6.17 -32.85
CA TYR B 181 3.85 -7.26 -32.91
C TYR B 181 3.67 -7.78 -34.34
N THR B 182 3.39 -9.07 -34.43
CA THR B 182 3.08 -9.67 -35.73
C THR B 182 2.08 -10.82 -35.53
N LEU B 183 1.05 -10.83 -36.37
CA LEU B 183 0.05 -11.89 -36.39
C LEU B 183 -0.31 -12.22 -37.82
N SER B 184 -1.16 -13.25 -37.98
CA SER B 184 -1.66 -13.63 -39.29
C SER B 184 -3.13 -14.03 -39.19
N SER B 185 -3.83 -13.93 -40.32
CA SER B 185 -5.21 -14.39 -40.41
C SER B 185 -5.41 -15.22 -41.66
N SER B 186 -5.93 -16.43 -41.49
CA SER B 186 -6.25 -17.31 -42.60
C SER B 186 -7.75 -17.29 -42.86
N VAL B 187 -8.12 -17.56 -44.11
CA VAL B 187 -9.52 -17.67 -44.50
C VAL B 187 -9.65 -18.77 -45.57
N THR B 188 -10.46 -19.78 -45.26
CA THR B 188 -10.69 -20.89 -46.18
C THR B 188 -11.99 -20.67 -46.95
N VAL B 189 -11.89 -20.61 -48.27
CA VAL B 189 -13.05 -20.43 -49.14
C VAL B 189 -13.07 -21.50 -50.24
N PRO B 190 -14.27 -21.86 -50.72
CA PRO B 190 -14.35 -22.79 -51.86
C PRO B 190 -13.51 -22.39 -53.08
N SER B 191 -13.02 -23.41 -53.79
CA SER B 191 -12.11 -23.19 -54.91
C SER B 191 -12.79 -22.52 -56.11
N SER B 192 -14.10 -22.72 -56.24
CA SER B 192 -14.87 -22.10 -57.32
C SER B 192 -14.97 -20.58 -57.18
N THR B 193 -14.94 -20.08 -55.94
CA THR B 193 -15.11 -18.66 -55.66
C THR B 193 -13.84 -17.85 -55.93
N TRP B 194 -12.69 -18.38 -55.53
CA TRP B 194 -11.39 -17.72 -55.74
C TRP B 194 -10.62 -18.47 -56.83
N PRO B 195 -9.95 -17.73 -57.74
CA PRO B 195 -9.76 -16.28 -57.83
C PRO B 195 -10.84 -15.51 -58.59
N SER B 196 -11.91 -16.20 -59.00
CA SER B 196 -12.97 -15.59 -59.81
C SER B 196 -13.62 -14.37 -59.14
N GLU B 197 -13.92 -14.48 -57.84
CA GLU B 197 -14.45 -13.36 -57.06
C GLU B 197 -13.41 -12.86 -56.07
N THR B 198 -13.32 -11.54 -55.94
CA THR B 198 -12.21 -10.89 -55.21
C THR B 198 -12.23 -11.12 -53.70
N VAL B 199 -11.04 -11.27 -53.11
CA VAL B 199 -10.88 -11.43 -51.68
C VAL B 199 -9.89 -10.38 -51.14
N THR B 200 -10.34 -9.59 -50.17
CA THR B 200 -9.57 -8.47 -49.64
C THR B 200 -9.47 -8.57 -48.12
N CYS B 201 -8.24 -8.43 -47.62
CA CYS B 201 -7.95 -8.44 -46.20
C CYS B 201 -7.85 -7.00 -45.68
N ASN B 202 -8.78 -6.64 -44.81
CA ASN B 202 -8.88 -5.30 -44.25
C ASN B 202 -8.22 -5.26 -42.88
N VAL B 203 -7.22 -4.39 -42.72
CA VAL B 203 -6.44 -4.34 -41.49
C VAL B 203 -6.50 -2.92 -40.91
N ALA B 204 -6.89 -2.83 -39.65
CA ALA B 204 -7.06 -1.55 -38.97
C ALA B 204 -6.20 -1.47 -37.72
N HIS B 205 -5.45 -0.38 -37.60
CA HIS B 205 -4.57 -0.16 -36.46
C HIS B 205 -4.84 1.22 -35.85
N PRO B 206 -5.67 1.28 -34.79
CA PRO B 206 -6.12 2.56 -34.23
C PRO B 206 -5.02 3.52 -33.77
N ALA B 207 -3.95 2.98 -33.19
CA ALA B 207 -2.91 3.81 -32.60
C ALA B 207 -2.22 4.71 -33.61
N SER B 208 -1.93 4.16 -34.78
CA SER B 208 -1.33 4.91 -35.89
C SER B 208 -2.40 5.48 -36.81
N SER B 209 -3.66 5.17 -36.50
CA SER B 209 -4.82 5.57 -37.29
C SER B 209 -4.64 5.19 -38.76
N THR B 210 -4.19 3.95 -38.97
CA THR B 210 -3.92 3.42 -40.29
C THR B 210 -4.92 2.32 -40.61
N LYS B 211 -5.40 2.32 -41.85
CA LYS B 211 -6.20 1.22 -42.40
C LYS B 211 -5.56 0.78 -43.72
N VAL B 212 -5.41 -0.52 -43.90
CA VAL B 212 -4.79 -1.09 -45.09
C VAL B 212 -5.64 -2.24 -45.65
N ASP B 213 -6.01 -2.13 -46.93
CA ASP B 213 -6.80 -3.16 -47.62
C ASP B 213 -5.89 -3.89 -48.60
N LYS B 214 -5.70 -5.19 -48.39
CA LYS B 214 -4.85 -5.97 -49.26
C LYS B 214 -5.63 -7.07 -49.98
N LYS B 215 -5.75 -6.90 -51.29
CA LYS B 215 -6.38 -7.89 -52.14
C LYS B 215 -5.40 -9.05 -52.34
N ILE B 216 -5.89 -10.27 -52.15
CA ILE B 216 -5.07 -11.46 -52.34
C ILE B 216 -5.21 -11.93 -53.78
N VAL B 217 -4.06 -12.19 -54.40
CA VAL B 217 -4.01 -12.51 -55.82
C VAL B 217 -3.18 -13.76 -56.07
N PRO B 218 -3.54 -14.54 -57.10
CA PRO B 218 -2.76 -15.71 -57.49
C PRO B 218 -1.29 -15.36 -57.83
N ASP C 1 15.63 7.78 -2.73
CA ASP C 1 15.03 8.29 -1.48
C ASP C 1 14.79 9.81 -1.56
N ILE C 2 13.53 10.20 -1.66
CA ILE C 2 13.17 11.63 -1.72
C ILE C 2 13.38 12.22 -0.34
N VAL C 3 14.31 13.18 -0.25
CA VAL C 3 14.61 13.86 1.00
C VAL C 3 13.70 15.07 1.18
N ILE C 4 13.22 15.26 2.41
CA ILE C 4 12.34 16.36 2.77
C ILE C 4 12.97 17.25 3.85
N THR C 5 13.17 18.52 3.52
CA THR C 5 13.71 19.47 4.48
C THR C 5 12.60 20.38 5.00
N GLN C 6 12.42 20.39 6.32
CA GLN C 6 11.44 21.24 6.99
C GLN C 6 12.11 22.41 7.65
N SER C 7 11.48 23.58 7.54
CA SER C 7 11.99 24.80 8.17
C SER C 7 10.86 25.58 8.86
N PRO C 8 11.15 26.22 10.00
CA PRO C 8 12.40 26.12 10.76
C PRO C 8 12.42 24.85 11.59
N LYS C 9 13.49 24.63 12.36
CA LYS C 9 13.56 23.47 13.25
C LYS C 9 12.85 23.76 14.57
N PHE C 10 12.97 25.01 15.04
CA PHE C 10 12.34 25.46 16.27
C PHE C 10 11.64 26.79 16.04
N MET C 11 10.61 27.07 16.83
CA MET C 11 9.91 28.34 16.75
C MET C 11 9.24 28.68 18.09
N SER C 12 9.29 29.95 18.47
CA SER C 12 8.58 30.46 19.65
C SER C 12 7.54 31.47 19.21
N THR C 13 6.30 31.25 19.63
CA THR C 13 5.16 32.10 19.24
C THR C 13 4.19 32.32 20.40
N SER C 14 3.68 33.56 20.52
CA SER C 14 2.69 33.88 21.55
C SER C 14 1.29 33.41 21.16
N VAL C 15 0.43 33.20 22.16
CA VAL C 15 -0.98 32.84 21.92
C VAL C 15 -1.68 33.99 21.19
N GLY C 16 -2.25 33.68 20.02
CA GLY C 16 -2.93 34.66 19.18
C GLY C 16 -2.19 35.00 17.90
N ASP C 17 -0.90 34.68 17.84
CA ASP C 17 -0.05 34.99 16.71
C ASP C 17 -0.07 33.91 15.63
N ARG C 18 0.36 34.29 14.42
CA ARG C 18 0.38 33.44 13.25
C ARG C 18 1.74 32.78 13.11
N VAL C 19 1.76 31.53 12.63
CA VAL C 19 3.03 30.82 12.39
C VAL C 19 2.96 30.02 11.10
N SER C 20 4.04 30.06 10.32
CA SER C 20 4.12 29.32 9.06
C SER C 20 5.35 28.43 9.00
N ILE C 21 5.13 27.14 8.74
CA ILE C 21 6.19 26.16 8.56
C ILE C 21 6.30 25.86 7.08
N THR C 22 7.52 25.70 6.58
CA THR C 22 7.73 25.31 5.18
C THR C 22 8.31 23.90 5.08
N CYS C 23 7.98 23.23 3.97
CA CYS C 23 8.40 21.86 3.74
C CYS C 23 8.90 21.75 2.29
N LYS C 24 10.18 21.42 2.14
CA LYS C 24 10.85 21.37 0.85
C LYS C 24 11.09 19.91 0.41
N ALA C 25 10.74 19.60 -0.83
CA ALA C 25 10.99 18.29 -1.40
C ALA C 25 12.14 18.35 -2.41
N SER C 26 12.95 17.29 -2.40
CA SER C 26 14.10 17.18 -3.28
C SER C 26 13.69 17.03 -4.76
N GLN C 27 12.48 16.51 -4.97
CA GLN C 27 11.88 16.42 -6.30
C GLN C 27 10.36 16.55 -6.24
N ASP C 28 9.74 16.73 -7.40
CA ASP C 28 8.30 16.92 -7.52
C ASP C 28 7.51 15.79 -6.86
N VAL C 29 6.67 16.16 -5.89
CA VAL C 29 5.80 15.20 -5.20
C VAL C 29 4.32 15.57 -5.36
N SER C 30 4.03 16.35 -6.40
CA SER C 30 2.67 16.84 -6.70
C SER C 30 2.03 17.46 -5.45
N THR C 31 0.81 17.02 -5.09
CA THR C 31 0.15 17.48 -3.87
C THR C 31 0.01 16.34 -2.85
N ALA C 32 0.89 15.34 -2.94
CA ALA C 32 0.83 14.16 -2.05
C ALA C 32 1.56 14.39 -0.73
N VAL C 33 1.20 15.49 -0.05
CA VAL C 33 1.88 15.89 1.18
C VAL C 33 0.90 16.00 2.34
N ALA C 34 1.27 15.41 3.48
CA ALA C 34 0.44 15.41 4.68
C ALA C 34 1.17 16.08 5.87
N TRP C 35 0.40 16.76 6.74
CA TRP C 35 0.96 17.39 7.94
C TRP C 35 0.46 16.74 9.24
N PHE C 36 1.40 16.44 10.14
CA PHE C 36 1.11 15.73 11.38
C PHE C 36 1.51 16.58 12.57
N GLN C 37 0.72 16.48 13.64
CA GLN C 37 0.97 17.17 14.90
C GLN C 37 1.19 16.10 15.96
N GLN C 38 2.34 16.18 16.66
CA GLN C 38 2.67 15.22 17.72
C GLN C 38 2.98 15.92 19.03
N LYS C 39 2.06 15.78 20.00
CA LYS C 39 2.24 16.30 21.34
C LYS C 39 3.00 15.28 22.20
N PRO C 40 3.77 15.77 23.20
CA PRO C 40 4.57 14.93 24.11
C PRO C 40 3.86 13.66 24.59
N GLY C 41 4.52 12.52 24.44
CA GLY C 41 3.99 11.24 24.90
C GLY C 41 2.85 10.65 24.06
N GLN C 42 2.57 11.27 22.93
CA GLN C 42 1.45 10.87 22.07
C GLN C 42 1.92 10.51 20.66
N SER C 43 1.10 9.73 19.98
CA SER C 43 1.35 9.36 18.59
C SER C 43 1.04 10.56 17.70
N PRO C 44 1.68 10.63 16.51
CA PRO C 44 1.36 11.72 15.60
C PRO C 44 -0.13 11.78 15.26
N LYS C 45 -0.61 12.99 14.99
CA LYS C 45 -2.01 13.21 14.61
C LYS C 45 -2.06 13.88 13.24
N LEU C 46 -2.86 13.29 12.33
CA LEU C 46 -3.04 13.83 10.97
C LEU C 46 -3.90 15.10 10.98
N LEU C 47 -3.35 16.19 10.48
CA LEU C 47 -4.09 17.48 10.41
C LEU C 47 -4.47 17.86 8.99
N ILE C 48 -3.49 17.82 8.08
CA ILE C 48 -3.67 18.20 6.67
C ILE C 48 -3.23 17.03 5.77
N TYR C 49 -4.07 16.66 4.81
CA TYR C 49 -3.72 15.68 3.77
C TYR C 49 -3.90 16.31 2.39
N SER C 50 -3.34 15.67 1.38
CA SER C 50 -3.39 16.14 0.00
C SER C 50 -2.95 17.61 -0.13
N ALA C 51 -1.92 17.96 0.63
CA ALA C 51 -1.33 19.30 0.67
C ALA C 51 -2.18 20.38 1.33
N SER C 52 -3.46 20.45 0.95
CA SER C 52 -4.31 21.57 1.37
C SER C 52 -5.65 21.18 2.00
N TYR C 53 -5.94 19.89 2.14
CA TYR C 53 -7.23 19.44 2.66
C TYR C 53 -7.16 19.12 4.15
N ARG C 54 -8.06 19.73 4.92
CA ARG C 54 -8.13 19.53 6.36
C ARG C 54 -8.79 18.20 6.66
N TYR C 55 -8.17 17.42 7.54
CA TYR C 55 -8.71 16.13 7.95
C TYR C 55 -9.91 16.35 8.88
N THR C 56 -10.66 15.28 9.12
CA THR C 56 -11.88 15.33 9.91
C THR C 56 -11.66 15.91 11.32
N GLY C 57 -12.49 16.86 11.68
CA GLY C 57 -12.52 17.39 13.04
C GLY C 57 -11.46 18.42 13.40
N VAL C 58 -10.47 18.66 12.53
CA VAL C 58 -9.38 19.56 12.86
C VAL C 58 -9.83 21.03 12.68
N PRO C 59 -9.46 21.90 13.64
CA PRO C 59 -9.85 23.32 13.59
C PRO C 59 -9.45 24.10 12.34
N ASP C 60 -10.21 25.16 12.05
CA ASP C 60 -10.00 25.99 10.86
C ASP C 60 -8.78 26.91 10.92
N ARG C 61 -8.12 26.98 12.08
CA ARG C 61 -6.87 27.75 12.19
C ARG C 61 -5.68 27.03 11.57
N PHE C 62 -5.79 25.71 11.38
CA PHE C 62 -4.77 24.93 10.69
C PHE C 62 -5.03 24.91 9.19
N THR C 63 -4.02 25.28 8.41
CA THR C 63 -4.12 25.30 6.95
C THR C 63 -2.83 24.76 6.33
N GLY C 64 -2.95 24.18 5.14
CA GLY C 64 -1.80 23.77 4.36
C GLY C 64 -1.95 24.25 2.93
N SER C 65 -0.83 24.49 2.26
CA SER C 65 -0.85 24.85 0.85
C SER C 65 0.41 24.36 0.13
N GLY C 66 0.32 24.16 -1.18
CA GLY C 66 1.50 23.86 -1.99
C GLY C 66 1.34 22.76 -3.03
N SER C 67 2.26 22.77 -3.99
CA SER C 67 2.32 21.80 -5.06
C SER C 67 3.77 21.61 -5.49
N GLY C 68 4.09 20.40 -5.93
CA GLY C 68 5.41 20.09 -6.47
C GLY C 68 6.49 19.89 -5.42
N THR C 69 7.22 20.96 -5.12
CA THR C 69 8.39 20.90 -4.25
C THR C 69 8.27 21.76 -2.99
N ASP C 70 7.41 22.78 -3.00
CA ASP C 70 7.31 23.70 -1.85
C ASP C 70 5.92 23.62 -1.20
N PHE C 71 5.92 23.43 0.12
CA PHE C 71 4.69 23.23 0.88
C PHE C 71 4.72 24.05 2.16
N THR C 72 3.57 24.61 2.52
CA THR C 72 3.47 25.47 3.69
C THR C 72 2.35 24.98 4.61
N PHE C 73 2.59 25.12 5.91
CA PHE C 73 1.61 24.79 6.96
C PHE C 73 1.44 25.99 7.88
N THR C 74 0.21 26.41 8.12
CA THR C 74 -0.02 27.66 8.87
C THR C 74 -1.05 27.54 9.98
N ILE C 75 -0.72 28.11 11.14
CA ILE C 75 -1.66 28.29 12.24
C ILE C 75 -1.95 29.78 12.29
N SER C 76 -3.18 30.16 11.92
CA SER C 76 -3.56 31.57 11.79
C SER C 76 -3.52 32.28 13.13
N SER C 77 -3.97 31.60 14.18
CA SER C 77 -3.91 32.14 15.54
C SER C 77 -3.59 31.01 16.53
N VAL C 78 -2.39 31.05 17.09
CA VAL C 78 -1.89 29.98 17.94
C VAL C 78 -2.62 29.95 19.29
N GLN C 79 -3.07 28.75 19.67
CA GLN C 79 -3.62 28.52 21.00
C GLN C 79 -2.60 27.78 21.87
N ALA C 80 -2.76 27.91 23.19
CA ALA C 80 -1.84 27.31 24.17
C ALA C 80 -1.64 25.82 23.96
N GLU C 81 -2.66 25.16 23.44
CA GLU C 81 -2.63 23.71 23.26
C GLU C 81 -1.87 23.29 22.00
N ASP C 82 -1.50 24.25 21.16
CA ASP C 82 -0.81 23.94 19.90
C ASP C 82 0.67 23.56 20.06
N LEU C 83 1.20 23.65 21.27
CA LEU C 83 2.58 23.26 21.52
C LEU C 83 2.78 21.77 21.14
N ALA C 84 3.59 21.56 20.12
CA ALA C 84 3.85 20.20 19.62
C ALA C 84 5.01 20.24 18.64
N VAL C 85 5.34 19.05 18.12
CA VAL C 85 6.27 18.94 17.00
C VAL C 85 5.45 18.67 15.74
N TYR C 86 5.68 19.46 14.70
CA TYR C 86 4.90 19.36 13.47
C TYR C 86 5.72 18.75 12.33
N TYR C 87 5.23 17.67 11.75
CA TYR C 87 5.93 16.99 10.65
C TYR C 87 5.15 17.10 9.35
N CYS C 88 5.88 17.24 8.24
CA CYS C 88 5.32 17.07 6.90
C CYS C 88 5.80 15.72 6.36
N GLN C 89 5.10 15.22 5.35
CA GLN C 89 5.41 13.94 4.76
C GLN C 89 5.06 13.93 3.29
N GLN C 90 5.86 13.24 2.48
CA GLN C 90 5.49 12.99 1.08
C GLN C 90 5.01 11.54 0.94
N HIS C 91 3.98 11.35 0.12
CA HIS C 91 3.39 10.04 -0.15
C HIS C 91 3.20 9.87 -1.65
N TYR C 92 4.07 10.52 -2.42
CA TYR C 92 4.02 10.47 -3.88
C TYR C 92 4.74 9.23 -4.39
N SER C 93 5.87 8.92 -3.77
CA SER C 93 6.70 7.81 -4.18
C SER C 93 7.32 7.15 -2.97
N THR C 94 7.39 5.83 -3.02
CA THR C 94 7.86 5.01 -1.91
C THR C 94 9.39 4.97 -1.88
N PRO C 95 10.00 4.96 -0.67
CA PRO C 95 9.38 5.02 0.65
C PRO C 95 8.86 6.42 1.01
N TRP C 96 7.77 6.45 1.79
CA TRP C 96 7.11 7.69 2.17
C TRP C 96 7.92 8.36 3.26
N THR C 97 8.52 9.50 2.96
CA THR C 97 9.50 10.09 3.85
C THR C 97 8.91 11.29 4.61
N PHE C 98 9.38 11.47 5.84
CA PHE C 98 8.93 12.55 6.70
C PHE C 98 10.01 13.61 6.81
N GLY C 99 9.60 14.86 6.99
CA GLY C 99 10.53 15.91 7.36
C GLY C 99 11.07 15.68 8.77
N GLY C 100 12.06 16.47 9.15
CA GLY C 100 12.72 16.31 10.46
C GLY C 100 11.96 16.95 11.61
N GLY C 101 10.85 17.63 11.31
CA GLY C 101 10.00 18.23 12.34
C GLY C 101 10.27 19.70 12.59
N THR C 102 9.24 20.39 13.10
CA THR C 102 9.38 21.73 13.64
C THR C 102 8.75 21.74 15.04
N LYS C 103 9.57 22.00 16.05
CA LYS C 103 9.12 22.06 17.43
C LYS C 103 8.60 23.47 17.73
N LEU C 104 7.31 23.57 18.03
CA LEU C 104 6.67 24.84 18.31
C LEU C 104 6.61 25.10 19.80
N GLU C 105 7.19 26.21 20.23
CA GLU C 105 7.16 26.65 21.62
C GLU C 105 6.18 27.81 21.74
N ILE C 106 5.59 27.96 22.93
CA ILE C 106 4.70 29.08 23.24
C ILE C 106 5.47 30.17 23.98
N LYS C 107 5.32 31.42 23.53
CA LYS C 107 5.81 32.57 24.27
C LYS C 107 4.77 32.98 25.30
N ARG C 108 5.23 33.31 26.51
CA ARG C 108 4.37 33.85 27.57
C ARG C 108 5.14 34.87 28.39
N ALA C 109 4.51 35.45 29.41
CA ALA C 109 5.19 36.38 30.31
C ALA C 109 6.31 35.67 31.08
N ASP C 110 7.34 36.41 31.46
CA ASP C 110 8.43 35.85 32.25
C ASP C 110 7.93 35.40 33.62
N ALA C 111 8.35 34.20 34.03
CA ALA C 111 7.95 33.63 35.30
C ALA C 111 9.16 33.20 36.14
N ALA C 112 9.19 33.66 37.39
CA ALA C 112 10.25 33.28 38.33
C ALA C 112 9.95 31.88 38.88
N PRO C 113 10.98 31.04 39.05
CA PRO C 113 10.73 29.67 39.50
C PRO C 113 10.43 29.59 40.99
N THR C 114 9.60 28.61 41.35
CA THR C 114 9.41 28.24 42.75
C THR C 114 10.46 27.16 43.05
N VAL C 115 11.46 27.55 43.85
CA VAL C 115 12.59 26.69 44.16
C VAL C 115 12.37 25.95 45.47
N SER C 116 12.79 24.69 45.50
CA SER C 116 12.64 23.84 46.69
C SER C 116 13.75 22.79 46.74
N ILE C 117 14.45 22.75 47.87
CA ILE C 117 15.56 21.81 48.08
C ILE C 117 15.10 20.64 48.96
N PHE C 118 15.70 19.47 48.75
CA PHE C 118 15.38 18.29 49.55
C PHE C 118 16.63 17.51 49.97
N PRO C 119 16.82 17.35 51.29
CA PRO C 119 17.88 16.47 51.79
C PRO C 119 17.62 15.01 51.46
N PRO C 120 18.69 14.20 51.35
CA PRO C 120 18.51 12.75 51.16
C PRO C 120 17.66 12.13 52.26
N SER C 121 16.73 11.25 51.87
CA SER C 121 15.88 10.56 52.82
C SER C 121 16.68 9.55 53.63
N SER C 122 16.22 9.25 54.84
CA SER C 122 16.90 8.29 55.71
C SER C 122 16.93 6.89 55.08
N GLU C 123 15.97 6.61 54.21
CA GLU C 123 15.89 5.32 53.52
C GLU C 123 16.94 5.18 52.43
N GLN C 124 17.31 6.29 51.79
CA GLN C 124 18.40 6.29 50.80
C GLN C 124 19.76 6.19 51.49
N LEU C 125 19.95 7.00 52.53
CA LEU C 125 21.17 6.92 53.34
C LEU C 125 21.47 5.49 53.78
N THR C 126 20.42 4.78 54.20
CA THR C 126 20.53 3.36 54.57
C THR C 126 21.16 2.50 53.46
N SER C 127 20.91 2.86 52.21
CA SER C 127 21.41 2.12 51.05
C SER C 127 22.85 2.50 50.63
N GLY C 128 23.39 3.56 51.23
CA GLY C 128 24.75 3.99 50.94
C GLY C 128 24.84 5.16 49.97
N GLY C 129 23.71 5.56 49.41
CA GLY C 129 23.65 6.70 48.48
C GLY C 129 23.16 7.97 49.15
N ALA C 130 23.39 9.11 48.48
CA ALA C 130 22.94 10.41 48.97
C ALA C 130 22.67 11.38 47.83
N SER C 131 21.39 11.57 47.49
CA SER C 131 20.98 12.44 46.41
C SER C 131 20.26 13.68 46.95
N VAL C 132 20.80 14.85 46.65
CA VAL C 132 20.18 16.12 47.02
C VAL C 132 19.39 16.65 45.82
N VAL C 133 18.08 16.74 45.99
CA VAL C 133 17.16 17.09 44.91
C VAL C 133 16.65 18.53 45.06
N CYS C 134 16.93 19.36 44.06
CA CYS C 134 16.44 20.74 44.03
C CYS C 134 15.43 20.89 42.89
N PHE C 135 14.20 21.28 43.23
CA PHE C 135 13.16 21.52 42.22
C PHE C 135 13.06 23.01 41.90
N LEU C 136 12.96 23.33 40.61
CA LEU C 136 12.71 24.68 40.13
C LEU C 136 11.47 24.62 39.25
N ASN C 137 10.32 25.00 39.82
CA ASN C 137 9.02 24.77 39.16
C ASN C 137 8.36 26.04 38.61
N ASN C 138 7.74 25.88 37.43
CA ASN C 138 6.91 26.91 36.80
C ASN C 138 7.62 28.24 36.54
N PHE C 139 8.52 28.23 35.57
CA PHE C 139 9.28 29.42 35.19
C PHE C 139 9.30 29.62 33.67
N TYR C 140 9.60 30.86 33.26
CA TYR C 140 9.78 31.19 31.85
C TYR C 140 10.75 32.38 31.71
N PRO C 141 11.66 32.33 30.72
CA PRO C 141 11.87 31.28 29.72
C PRO C 141 12.64 30.05 30.23
N LYS C 142 12.88 29.11 29.32
CA LYS C 142 13.54 27.84 29.65
C LYS C 142 14.99 28.00 30.08
N ASP C 143 15.68 29.03 29.57
CA ASP C 143 17.08 29.29 29.93
C ASP C 143 17.22 29.66 31.41
N ILE C 144 17.92 28.82 32.16
CA ILE C 144 18.10 29.00 33.60
C ILE C 144 19.43 28.40 34.05
N ASN C 145 20.02 29.00 35.07
CA ASN C 145 21.30 28.54 35.62
C ASN C 145 21.14 28.03 37.05
N VAL C 146 21.88 26.96 37.36
CA VAL C 146 21.90 26.40 38.71
C VAL C 146 23.35 26.22 39.15
N LYS C 147 23.65 26.71 40.35
CA LYS C 147 24.97 26.55 40.96
C LYS C 147 24.79 25.83 42.29
N TRP C 148 25.76 24.98 42.63
CA TRP C 148 25.72 24.23 43.89
C TRP C 148 26.89 24.59 44.79
N LYS C 149 26.69 25.61 45.63
CA LYS C 149 27.71 26.07 46.55
C LYS C 149 27.69 25.27 47.86
N ILE C 150 28.41 24.16 47.88
CA ILE C 150 28.56 23.34 49.09
C ILE C 150 29.63 23.97 50.00
N ASP C 151 29.19 24.52 51.14
CA ASP C 151 30.05 25.23 52.09
C ASP C 151 30.80 26.42 51.48
N GLY C 152 30.18 27.07 50.49
CA GLY C 152 30.78 28.22 49.82
C GLY C 152 31.61 27.88 48.60
N SER C 153 31.87 26.58 48.40
CA SER C 153 32.65 26.12 47.24
C SER C 153 31.73 25.49 46.20
N GLU C 154 31.99 25.79 44.93
CA GLU C 154 31.15 25.29 43.84
C GLU C 154 31.34 23.80 43.60
N ARG C 155 30.27 23.14 43.16
CA ARG C 155 30.31 21.74 42.80
C ARG C 155 29.72 21.58 41.41
N GLN C 156 30.47 20.92 40.52
CA GLN C 156 30.00 20.59 39.17
C GLN C 156 29.89 19.08 38.95
N ASN C 157 30.38 18.29 39.90
CA ASN C 157 30.34 16.84 39.82
C ASN C 157 29.06 16.30 40.44
N GLY C 158 28.49 15.27 39.82
CA GLY C 158 27.28 14.62 40.33
C GLY C 158 26.00 15.42 40.10
N VAL C 159 26.13 16.59 39.50
CA VAL C 159 24.99 17.48 39.25
C VAL C 159 24.31 17.08 37.94
N LEU C 160 23.05 16.68 38.03
CA LEU C 160 22.26 16.30 36.85
C LEU C 160 20.97 17.14 36.78
N ASN C 161 20.76 17.80 35.65
CA ASN C 161 19.59 18.63 35.42
C ASN C 161 18.60 17.97 34.47
N SER C 162 17.31 18.27 34.66
CA SER C 162 16.26 17.72 33.81
C SER C 162 15.07 18.65 33.68
N TRP C 163 14.87 19.19 32.47
CA TRP C 163 13.74 20.07 32.17
C TRP C 163 12.50 19.25 31.81
N THR C 164 11.34 19.76 32.22
CA THR C 164 10.06 19.16 31.85
C THR C 164 9.58 19.74 30.52
N ASP C 165 8.64 19.07 29.86
CA ASP C 165 8.00 19.59 28.65
C ASP C 165 7.15 20.80 29.01
N GLN C 166 7.17 21.82 28.15
CA GLN C 166 6.42 23.05 28.40
C GLN C 166 4.96 22.73 28.71
N ASP C 167 4.42 23.36 29.75
CA ASP C 167 3.05 23.09 30.17
C ASP C 167 2.02 23.51 29.13
N SER C 168 1.06 22.64 28.88
CA SER C 168 0.02 22.87 27.89
C SER C 168 -1.02 23.92 28.33
N LYS C 169 -1.09 24.17 29.64
CA LYS C 169 -2.04 25.15 30.18
C LYS C 169 -1.40 26.55 30.28
N ASP C 170 -0.44 26.70 31.21
CA ASP C 170 0.14 28.02 31.51
C ASP C 170 1.52 28.23 30.88
N SER C 171 1.90 27.35 29.95
CA SER C 171 3.09 27.53 29.10
C SER C 171 4.42 27.65 29.85
N THR C 172 4.48 27.09 31.06
CA THR C 172 5.66 27.19 31.91
C THR C 172 6.54 25.93 31.84
N TYR C 173 7.81 26.11 32.20
CA TYR C 173 8.74 24.99 32.34
C TYR C 173 9.05 24.73 33.80
N SER C 174 9.33 23.46 34.10
CA SER C 174 9.83 23.05 35.40
C SER C 174 11.15 22.32 35.19
N MET C 175 12.06 22.43 36.15
CA MET C 175 13.39 21.86 36.02
C MET C 175 13.91 21.36 37.36
N SER C 176 14.35 20.09 37.37
CA SER C 176 14.89 19.48 38.56
C SER C 176 16.41 19.44 38.44
N SER C 177 17.09 19.73 39.55
CA SER C 177 18.53 19.61 39.63
C SER C 177 18.84 18.64 40.76
N THR C 178 19.60 17.58 40.44
CA THR C 178 19.94 16.55 41.42
C THR C 178 21.45 16.48 41.61
N LEU C 179 21.89 16.65 42.86
CA LEU C 179 23.28 16.48 43.23
C LEU C 179 23.44 15.11 43.91
N THR C 180 24.01 14.16 43.16
CA THR C 180 24.20 12.80 43.64
C THR C 180 25.65 12.60 44.10
N LEU C 181 25.80 11.95 45.25
CA LEU C 181 27.11 11.61 45.79
C LEU C 181 26.97 10.44 46.79
N THR C 182 28.10 9.96 47.29
CA THR C 182 28.12 8.86 48.25
C THR C 182 27.69 9.34 49.64
N LYS C 183 27.26 8.39 50.47
CA LYS C 183 26.81 8.70 51.84
C LYS C 183 27.87 9.46 52.64
N ASP C 184 29.09 8.92 52.66
CA ASP C 184 30.18 9.52 53.43
C ASP C 184 30.61 10.88 52.90
N GLU C 185 30.44 11.12 51.60
CA GLU C 185 30.70 12.43 51.02
C GLU C 185 29.67 13.44 51.51
N TYR C 186 28.43 12.99 51.67
CA TYR C 186 27.36 13.81 52.22
C TYR C 186 27.60 14.12 53.70
N GLU C 187 28.21 13.18 54.42
CA GLU C 187 28.47 13.34 55.86
C GLU C 187 29.67 14.24 56.20
N ARG C 188 30.54 14.51 55.23
CA ARG C 188 31.73 15.33 55.45
C ARG C 188 31.44 16.85 55.46
N HIS C 189 30.39 17.27 54.76
CA HIS C 189 30.02 18.69 54.68
C HIS C 189 28.70 18.91 55.43
N ASN C 190 28.28 20.17 55.55
CA ASN C 190 27.09 20.53 56.31
C ASN C 190 26.07 21.36 55.51
N SER C 191 26.51 22.51 55.01
CA SER C 191 25.61 23.44 54.32
C SER C 191 25.52 23.15 52.83
N TYR C 192 24.32 22.76 52.39
CA TYR C 192 24.06 22.46 50.98
C TYR C 192 23.09 23.49 50.42
N THR C 193 23.51 24.16 49.34
CA THR C 193 22.72 25.21 48.73
C THR C 193 22.54 24.99 47.22
N CYS C 194 21.31 25.15 46.74
CA CYS C 194 21.03 25.24 45.31
C CYS C 194 20.51 26.64 45.01
N GLU C 195 21.24 27.40 44.20
CA GLU C 195 20.85 28.76 43.84
C GLU C 195 20.49 28.86 42.35
N ALA C 196 19.37 29.52 42.08
CA ALA C 196 18.82 29.62 40.72
C ALA C 196 19.04 31.02 40.14
N THR C 197 19.84 31.10 39.07
CA THR C 197 20.11 32.36 38.39
C THR C 197 19.24 32.47 37.14
N HIS C 198 18.42 33.52 37.10
CA HIS C 198 17.52 33.80 35.99
C HIS C 198 17.78 35.23 35.53
N LYS C 199 17.47 35.51 34.27
CA LYS C 199 17.55 36.88 33.74
C LYS C 199 16.36 37.75 34.22
N THR C 200 15.34 37.09 34.79
CA THR C 200 14.19 37.78 35.35
C THR C 200 14.58 38.58 36.60
N SER C 201 14.98 37.87 37.65
CA SER C 201 15.42 38.48 38.90
C SER C 201 16.94 38.58 38.92
N THR C 202 17.46 39.81 39.09
CA THR C 202 18.90 40.04 39.14
C THR C 202 19.54 39.42 40.39
N SER C 203 18.73 39.22 41.44
CA SER C 203 19.16 38.51 42.64
C SER C 203 18.77 37.03 42.55
N PRO C 204 19.75 36.10 42.71
CA PRO C 204 19.47 34.68 42.61
C PRO C 204 18.69 34.10 43.80
N ILE C 205 17.73 33.23 43.50
CA ILE C 205 16.88 32.62 44.52
C ILE C 205 17.59 31.44 45.19
N VAL C 206 17.84 31.56 46.50
CA VAL C 206 18.60 30.56 47.24
C VAL C 206 17.68 29.67 48.06
N LYS C 207 18.05 28.39 48.15
CA LYS C 207 17.35 27.44 49.00
C LYS C 207 18.42 26.50 49.58
N SER C 208 18.44 26.38 50.91
CA SER C 208 19.50 25.62 51.57
C SER C 208 19.01 24.87 52.81
N PHE C 209 19.85 23.96 53.30
CA PHE C 209 19.58 23.25 54.53
C PHE C 209 20.90 22.77 55.15
N ASN C 210 20.85 22.40 56.43
CA ASN C 210 21.99 21.82 57.12
C ASN C 210 21.74 20.35 57.40
N ARG C 211 22.83 19.57 57.36
CA ARG C 211 22.76 18.12 57.53
C ARG C 211 21.98 17.73 58.77
N ASN C 212 22.33 18.33 59.90
CA ASN C 212 21.66 18.03 61.17
C ASN C 212 21.00 19.27 61.76
N GLU C 213 20.01 19.79 61.04
CA GLU C 213 19.12 20.83 61.57
C GLU C 213 17.82 20.17 62.08
N CYS C 214 17.53 18.98 61.57
CA CYS C 214 16.36 18.19 61.99
C CYS C 214 16.79 17.12 62.98
N GLU D 1 -15.39 3.26 17.41
CA GLU D 1 -14.44 3.89 16.45
C GLU D 1 -13.28 2.96 16.14
N VAL D 2 -12.48 3.35 15.14
CA VAL D 2 -11.28 2.62 14.76
C VAL D 2 -10.26 2.77 15.89
N LYS D 3 -9.73 1.66 16.37
CA LYS D 3 -8.70 1.68 17.41
C LYS D 3 -7.56 0.72 17.05
N LEU D 4 -6.34 1.17 17.33
CA LEU D 4 -5.15 0.34 17.17
C LEU D 4 -4.47 0.25 18.53
N GLN D 5 -4.39 -0.96 19.07
CA GLN D 5 -3.81 -1.17 20.40
C GLN D 5 -2.56 -2.04 20.32
N GLN D 6 -1.43 -1.43 20.63
CA GLN D 6 -0.11 -2.03 20.55
C GLN D 6 0.33 -2.65 21.87
N SER D 7 1.33 -3.52 21.78
CA SER D 7 1.80 -4.31 22.90
C SER D 7 2.72 -3.46 23.80
N GLY D 8 3.09 -4.03 24.94
CA GLY D 8 3.86 -3.30 25.95
C GLY D 8 5.33 -3.16 25.60
N PRO D 9 6.09 -2.41 26.42
CA PRO D 9 7.52 -2.18 26.22
C PRO D 9 8.35 -3.46 26.28
N GLU D 10 9.43 -3.50 25.49
CA GLU D 10 10.31 -4.66 25.43
C GLU D 10 11.77 -4.29 25.67
N LEU D 11 12.46 -5.14 26.42
CA LEU D 11 13.91 -5.12 26.52
C LEU D 11 14.41 -6.39 25.87
N VAL D 12 15.27 -6.22 24.88
CA VAL D 12 15.76 -7.34 24.08
C VAL D 12 17.25 -7.16 23.84
N LYS D 13 18.00 -8.27 23.84
CA LYS D 13 19.46 -8.20 23.72
C LYS D 13 19.94 -8.00 22.28
N PRO D 14 21.12 -7.36 22.11
CA PRO D 14 21.69 -7.15 20.77
C PRO D 14 21.92 -8.47 20.04
N GLY D 15 21.50 -8.54 18.79
CA GLY D 15 21.63 -9.74 17.97
C GLY D 15 20.39 -10.62 18.00
N ALA D 16 19.52 -10.39 18.98
CA ALA D 16 18.29 -11.16 19.14
C ALA D 16 17.17 -10.58 18.28
N SER D 17 15.98 -11.14 18.42
CA SER D 17 14.79 -10.63 17.73
C SER D 17 13.69 -10.30 18.72
N VAL D 18 12.77 -9.43 18.28
CA VAL D 18 11.59 -9.07 19.04
C VAL D 18 10.38 -8.96 18.10
N LYS D 19 9.22 -9.38 18.60
CA LYS D 19 7.98 -9.35 17.84
C LYS D 19 6.94 -8.53 18.60
N ILE D 20 6.49 -7.44 17.99
CA ILE D 20 5.50 -6.57 18.60
C ILE D 20 4.18 -6.70 17.84
N SER D 21 3.08 -6.40 18.54
CA SER D 21 1.73 -6.63 18.03
C SER D 21 0.93 -5.33 17.97
N CYS D 22 -0.06 -5.34 17.09
CA CYS D 22 -0.97 -4.21 16.93
C CYS D 22 -2.38 -4.75 16.71
N LYS D 23 -3.17 -4.75 17.78
CA LYS D 23 -4.55 -5.24 17.71
C LYS D 23 -5.48 -4.15 17.21
N ALA D 24 -6.23 -4.48 16.16
CA ALA D 24 -7.17 -3.56 15.54
C ALA D 24 -8.60 -3.92 15.93
N SER D 25 -9.45 -2.89 16.01
CA SER D 25 -10.85 -3.05 16.36
C SER D 25 -11.71 -1.93 15.77
N GLY D 26 -13.00 -2.21 15.62
CA GLY D 26 -13.98 -1.22 15.17
C GLY D 26 -14.12 -1.08 13.67
N TYR D 27 -13.54 -2.01 12.91
CA TYR D 27 -13.69 -2.03 11.46
C TYR D 27 -13.31 -3.40 10.88
N SER D 28 -13.50 -3.54 9.56
CA SER D 28 -13.11 -4.74 8.83
C SER D 28 -11.60 -4.82 8.67
N PHE D 29 -10.99 -5.72 9.44
CA PHE D 29 -9.54 -5.88 9.50
C PHE D 29 -8.84 -6.08 8.13
N THR D 30 -9.51 -6.77 7.21
CA THR D 30 -8.94 -7.09 5.90
C THR D 30 -9.15 -5.96 4.89
N SER D 31 -9.86 -4.91 5.31
CA SER D 31 -10.19 -3.84 4.39
C SER D 31 -9.08 -2.80 4.24
N TYR D 32 -8.15 -2.75 5.21
CA TYR D 32 -7.09 -1.75 5.21
C TYR D 32 -5.71 -2.32 5.48
N TYR D 33 -4.70 -1.66 4.93
CA TYR D 33 -3.31 -1.92 5.28
C TYR D 33 -3.03 -1.56 6.74
N ILE D 34 -2.02 -2.20 7.32
CA ILE D 34 -1.47 -1.77 8.60
C ILE D 34 -0.04 -1.35 8.34
N HIS D 35 0.26 -0.09 8.64
CA HIS D 35 1.58 0.49 8.40
C HIS D 35 2.36 0.55 9.68
N TRP D 36 3.67 0.40 9.56
CA TRP D 36 4.56 0.45 10.72
C TRP D 36 5.54 1.59 10.59
N VAL D 37 5.75 2.32 11.69
CA VAL D 37 6.56 3.54 11.68
C VAL D 37 7.51 3.55 12.88
N LYS D 38 8.72 4.04 12.64
CA LYS D 38 9.81 4.04 13.62
C LYS D 38 10.07 5.45 14.10
N GLN D 39 10.24 5.58 15.42
CA GLN D 39 10.44 6.87 16.05
C GLN D 39 11.63 6.84 17.01
N ARG D 40 12.72 7.48 16.62
CA ARG D 40 13.86 7.72 17.49
C ARG D 40 13.93 9.22 17.86
N PRO D 41 14.37 9.54 19.08
CA PRO D 41 14.37 10.92 19.61
C PRO D 41 15.03 11.98 18.72
N GLY D 42 16.15 11.63 18.10
CA GLY D 42 16.91 12.56 17.27
C GLY D 42 16.88 12.24 15.78
N GLN D 43 16.08 11.25 15.39
CA GLN D 43 16.01 10.83 13.99
C GLN D 43 14.64 11.09 13.32
N GLY D 44 13.63 11.43 14.12
CA GLY D 44 12.29 11.73 13.60
C GLY D 44 11.46 10.48 13.33
N LEU D 45 10.68 10.52 12.24
CA LEU D 45 9.76 9.42 11.88
C LEU D 45 10.21 8.68 10.62
N GLU D 46 10.08 7.35 10.63
CA GLU D 46 10.45 6.52 9.48
C GLU D 46 9.40 5.44 9.18
N TRP D 47 8.92 5.42 7.94
CA TRP D 47 8.00 4.38 7.48
C TRP D 47 8.72 3.07 7.16
N ILE D 48 8.30 1.99 7.82
CA ILE D 48 8.94 0.68 7.71
C ILE D 48 8.34 -0.15 6.58
N GLY D 49 7.01 -0.26 6.59
CA GLY D 49 6.31 -1.05 5.58
C GLY D 49 4.86 -1.26 5.98
N TRP D 50 4.10 -1.97 5.14
CA TRP D 50 2.74 -2.40 5.50
C TRP D 50 2.47 -3.90 5.32
N VAL D 51 1.38 -4.34 5.94
CA VAL D 51 0.81 -5.66 5.73
C VAL D 51 -0.66 -5.51 5.37
N PHE D 52 -1.15 -6.33 4.44
CA PHE D 52 -2.57 -6.35 4.09
C PHE D 52 -3.15 -7.64 4.67
N PRO D 53 -3.90 -7.53 5.79
CA PRO D 53 -4.36 -8.74 6.50
C PRO D 53 -5.35 -9.53 5.67
N GLY D 54 -5.32 -10.84 5.79
CA GLY D 54 -6.14 -11.72 4.98
C GLY D 54 -5.23 -12.46 4.02
N SER D 55 -4.83 -11.77 2.97
CA SER D 55 -3.87 -12.29 1.98
C SER D 55 -2.44 -12.34 2.52
N GLY D 56 -2.12 -11.43 3.43
CA GLY D 56 -0.78 -11.32 4.01
C GLY D 56 0.22 -10.61 3.13
N ASN D 57 -0.26 -9.95 2.08
CA ASN D 57 0.61 -9.22 1.17
C ASN D 57 1.36 -8.13 1.94
N THR D 58 2.57 -7.81 1.48
CA THR D 58 3.48 -6.93 2.22
C THR D 58 4.23 -6.00 1.27
N LYS D 59 4.66 -4.87 1.80
CA LYS D 59 5.56 -3.96 1.11
C LYS D 59 6.50 -3.40 2.16
N TYR D 60 7.77 -3.25 1.80
CA TYR D 60 8.77 -2.72 2.71
C TYR D 60 9.54 -1.52 2.16
N ASN D 61 9.96 -0.66 3.10
CA ASN D 61 11.01 0.31 2.85
C ASN D 61 12.27 -0.47 2.54
N GLU D 62 13.01 -0.06 1.51
CA GLU D 62 14.29 -0.71 1.17
C GLU D 62 15.20 -0.80 2.39
N LYS D 63 15.14 0.23 3.24
CA LYS D 63 15.95 0.32 4.45
C LYS D 63 15.65 -0.78 5.46
N PHE D 64 14.43 -1.30 5.45
CA PHE D 64 13.98 -2.28 6.43
C PHE D 64 13.68 -3.66 5.83
N LYS D 65 14.03 -3.83 4.55
CA LYS D 65 13.68 -5.03 3.77
C LYS D 65 14.13 -6.33 4.43
N GLY D 66 15.34 -6.35 5.01
CA GLY D 66 15.85 -7.52 5.72
C GLY D 66 15.62 -7.50 7.23
N LYS D 67 15.43 -6.30 7.77
CA LYS D 67 15.33 -6.07 9.21
C LYS D 67 13.95 -6.40 9.79
N ALA D 68 12.89 -6.09 9.03
CA ALA D 68 11.51 -6.27 9.51
C ALA D 68 10.76 -7.36 8.74
N THR D 69 9.93 -8.09 9.46
CA THR D 69 8.99 -9.04 8.87
C THR D 69 7.59 -8.73 9.40
N LEU D 70 6.67 -8.43 8.47
CA LEU D 70 5.32 -8.03 8.83
C LEU D 70 4.32 -9.13 8.52
N THR D 71 3.49 -9.46 9.50
CA THR D 71 2.47 -10.50 9.36
C THR D 71 1.20 -10.04 10.05
N ALA D 72 0.09 -10.69 9.73
CA ALA D 72 -1.19 -10.41 10.38
C ALA D 72 -2.01 -11.68 10.55
N ASP D 73 -2.71 -11.75 11.68
CA ASP D 73 -3.61 -12.86 11.98
C ASP D 73 -5.05 -12.36 12.03
N THR D 74 -5.83 -12.73 11.02
CA THR D 74 -7.20 -12.24 10.90
C THR D 74 -8.13 -12.78 11.98
N SER D 75 -7.82 -13.94 12.54
CA SER D 75 -8.64 -14.52 13.60
C SER D 75 -8.62 -13.68 14.88
N SER D 76 -7.47 -13.09 15.21
CA SER D 76 -7.31 -12.23 16.39
C SER D 76 -7.23 -10.73 16.05
N SER D 77 -7.41 -10.41 14.77
CA SER D 77 -7.40 -9.02 14.30
C SER D 77 -6.14 -8.28 14.72
N THR D 78 -4.99 -8.94 14.64
CA THR D 78 -3.74 -8.37 15.11
C THR D 78 -2.65 -8.53 14.05
N ALA D 79 -1.96 -7.43 13.76
CA ALA D 79 -0.80 -7.41 12.89
C ALA D 79 0.43 -7.56 13.77
N TYR D 80 1.53 -7.98 13.17
CA TYR D 80 2.79 -8.16 13.89
C TYR D 80 3.96 -7.62 13.10
N MET D 81 4.98 -7.17 13.81
CA MET D 81 6.27 -6.82 13.22
C MET D 81 7.39 -7.48 14.02
N GLN D 82 8.20 -8.27 13.31
CA GLN D 82 9.39 -8.90 13.85
C GLN D 82 10.62 -8.10 13.46
N LEU D 83 11.46 -7.77 14.43
CA LEU D 83 12.72 -7.10 14.17
C LEU D 83 13.84 -8.04 14.56
N SER D 84 14.74 -8.36 13.62
CA SER D 84 15.80 -9.34 13.85
C SER D 84 17.18 -8.70 13.80
N SER D 85 18.18 -9.42 14.29
CA SER D 85 19.58 -8.96 14.32
C SER D 85 19.70 -7.55 14.91
N LEU D 86 19.19 -7.41 16.13
CA LEU D 86 18.99 -6.10 16.76
C LEU D 86 20.26 -5.40 17.22
N THR D 87 20.31 -4.10 16.99
CA THR D 87 21.40 -3.22 17.42
C THR D 87 20.76 -2.09 18.21
N SER D 88 21.58 -1.32 18.93
CA SER D 88 21.08 -0.14 19.67
C SER D 88 20.38 0.87 18.74
N GLU D 89 20.73 0.83 17.46
CA GLU D 89 20.07 1.62 16.41
C GLU D 89 18.60 1.24 16.20
N ASP D 90 18.22 0.05 16.66
CA ASP D 90 16.84 -0.41 16.59
C ASP D 90 16.00 0.02 17.80
N SER D 91 16.65 0.53 18.85
CA SER D 91 15.94 1.07 20.00
C SER D 91 15.14 2.29 19.55
N ALA D 92 13.83 2.23 19.74
CA ALA D 92 12.91 3.26 19.25
C ALA D 92 11.50 3.00 19.76
N VAL D 93 10.63 3.98 19.59
CA VAL D 93 9.19 3.78 19.74
C VAL D 93 8.63 3.40 18.39
N TYR D 94 7.93 2.27 18.34
CA TYR D 94 7.36 1.78 17.09
C TYR D 94 5.85 1.91 17.10
N PHE D 95 5.33 2.54 16.04
CA PHE D 95 3.89 2.77 15.87
C PHE D 95 3.31 1.90 14.76
N CYS D 96 2.06 1.50 14.95
CA CYS D 96 1.27 0.99 13.84
C CYS D 96 0.28 2.09 13.46
N ALA D 97 -0.06 2.15 12.17
CA ALA D 97 -0.94 3.17 11.64
C ALA D 97 -1.84 2.61 10.55
N ARG D 98 -2.89 3.36 10.26
CA ARG D 98 -3.89 2.98 9.27
C ARG D 98 -4.43 4.23 8.61
N GLY D 99 -4.73 4.12 7.32
CA GLY D 99 -5.24 5.26 6.55
C GLY D 99 -6.74 5.31 6.52
N ASN D 100 -7.29 6.47 6.16
CA ASN D 100 -8.74 6.64 6.10
C ASN D 100 -9.25 6.64 4.66
N TYR D 101 -9.90 7.72 4.24
CA TYR D 101 -10.48 7.80 2.91
C TYR D 101 -9.46 8.31 1.89
N ASP D 102 -9.30 7.53 0.82
CA ASP D 102 -8.59 7.93 -0.38
C ASP D 102 -7.16 8.45 -0.11
N ARG D 103 -7.02 9.72 0.28
CA ARG D 103 -5.72 10.37 0.42
C ARG D 103 -5.36 10.65 1.89
N ALA D 104 -6.26 10.33 2.80
CA ALA D 104 -6.05 10.55 4.23
C ALA D 104 -5.27 9.37 4.83
N TRP D 105 -4.04 9.21 4.39
CA TRP D 105 -3.14 8.16 4.88
C TRP D 105 -2.67 8.49 6.31
N PHE D 106 -2.34 7.46 7.08
CA PHE D 106 -1.85 7.60 8.46
C PHE D 106 -2.82 8.44 9.32
N ALA D 107 -4.10 8.13 9.20
CA ALA D 107 -5.15 8.86 9.91
C ALA D 107 -5.35 8.32 11.32
N TYR D 108 -5.10 7.03 11.49
CA TYR D 108 -5.26 6.35 12.77
C TYR D 108 -3.91 5.79 13.20
N TRP D 109 -3.56 6.00 14.47
CA TRP D 109 -2.28 5.56 14.98
C TRP D 109 -2.45 4.66 16.23
N GLY D 110 -1.49 3.75 16.46
CA GLY D 110 -1.40 3.02 17.73
C GLY D 110 -0.79 3.94 18.79
N GLN D 111 -0.75 3.48 20.04
CA GLN D 111 -0.18 4.29 21.11
C GLN D 111 1.36 4.27 21.15
N GLY D 112 1.95 3.31 20.44
CA GLY D 112 3.40 3.17 20.38
C GLY D 112 3.88 2.02 21.24
N THR D 113 5.00 1.42 20.85
CA THR D 113 5.69 0.40 21.64
C THR D 113 7.17 0.75 21.73
N LEU D 114 7.66 0.92 22.95
CA LEU D 114 9.07 1.22 23.20
C LEU D 114 9.87 -0.07 23.19
N VAL D 115 10.84 -0.11 22.28
CA VAL D 115 11.76 -1.22 22.17
C VAL D 115 13.12 -0.76 22.63
N THR D 116 13.69 -1.46 23.61
CA THR D 116 15.01 -1.19 24.11
C THR D 116 15.88 -2.39 23.81
N VAL D 117 16.91 -2.19 22.99
CA VAL D 117 17.90 -3.24 22.77
C VAL D 117 19.19 -2.92 23.53
N SER D 118 19.51 -3.79 24.48
CA SER D 118 20.68 -3.63 25.35
C SER D 118 21.01 -4.95 26.04
N ALA D 119 22.27 -5.10 26.43
CA ALA D 119 22.73 -6.26 27.18
C ALA D 119 22.62 -6.05 28.70
N ALA D 120 22.20 -4.85 29.11
CA ALA D 120 22.05 -4.51 30.52
C ALA D 120 20.89 -5.26 31.17
N LYS D 121 21.03 -5.52 32.47
CA LYS D 121 20.07 -6.32 33.22
C LYS D 121 18.86 -5.47 33.60
N THR D 122 17.68 -6.09 33.58
CA THR D 122 16.48 -5.48 34.15
C THR D 122 16.67 -5.29 35.65
N THR D 123 16.49 -4.05 36.10
CA THR D 123 16.63 -3.72 37.51
C THR D 123 15.44 -2.90 38.00
N PRO D 124 14.80 -3.33 39.10
CA PRO D 124 13.67 -2.61 39.65
C PRO D 124 14.10 -1.25 40.23
N PRO D 125 13.19 -0.27 40.27
CA PRO D 125 13.51 1.01 40.88
C PRO D 125 13.56 0.98 42.41
N SER D 126 14.36 1.89 42.94
CA SER D 126 14.38 2.19 44.36
C SER D 126 13.62 3.51 44.54
N VAL D 127 12.53 3.49 45.32
CA VAL D 127 11.68 4.67 45.48
C VAL D 127 11.84 5.29 46.87
N TYR D 128 12.21 6.56 46.93
CA TYR D 128 12.49 7.26 48.18
C TYR D 128 11.56 8.47 48.37
N PRO D 129 10.90 8.59 49.53
CA PRO D 129 9.99 9.68 49.81
C PRO D 129 10.73 10.99 50.09
N LEU D 130 10.30 12.09 49.46
CA LEU D 130 10.94 13.40 49.68
C LEU D 130 10.02 14.35 50.44
N ALA D 131 10.39 14.65 51.68
CA ALA D 131 9.63 15.57 52.52
C ALA D 131 10.47 16.78 52.89
N PRO D 132 9.82 17.93 53.15
CA PRO D 132 10.56 19.13 53.58
C PRO D 132 11.12 18.97 54.99
N SER D 140 -0.32 28.92 52.42
CA SER D 140 0.91 28.29 51.95
C SER D 140 0.63 27.03 51.14
N MET D 141 1.56 26.70 50.26
CA MET D 141 1.56 25.40 49.57
C MET D 141 2.86 24.69 49.89
N VAL D 142 2.78 23.37 50.00
CA VAL D 142 3.95 22.55 50.33
C VAL D 142 4.29 21.62 49.16
N THR D 143 5.54 21.68 48.71
CA THR D 143 6.01 20.79 47.64
C THR D 143 6.53 19.48 48.21
N LEU D 144 5.98 18.38 47.72
CA LEU D 144 6.45 17.04 48.08
C LEU D 144 7.09 16.41 46.87
N GLY D 145 8.02 15.49 47.11
CA GLY D 145 8.72 14.81 46.03
C GLY D 145 8.69 13.29 46.14
N CYS D 146 9.31 12.64 45.16
CA CYS D 146 9.38 11.18 45.11
C CYS D 146 10.55 10.81 44.19
N LEU D 147 11.61 10.26 44.78
CA LEU D 147 12.85 9.95 44.05
C LEU D 147 12.86 8.49 43.59
N VAL D 148 12.93 8.28 42.28
CA VAL D 148 12.84 6.96 41.66
C VAL D 148 14.17 6.63 41.00
N LYS D 149 14.98 5.84 41.69
CA LYS D 149 16.41 5.70 41.37
C LYS D 149 16.79 4.27 40.97
N GLY D 150 17.71 4.18 40.01
CA GLY D 150 18.44 2.95 39.71
C GLY D 150 17.66 1.82 39.08
N TYR D 151 16.84 2.14 38.08
CA TYR D 151 16.06 1.14 37.38
C TYR D 151 16.50 1.02 35.93
N PHE D 152 16.23 -0.14 35.34
CA PHE D 152 16.45 -0.34 33.92
C PHE D 152 15.57 -1.48 33.45
N PRO D 153 14.95 -1.34 32.26
CA PRO D 153 14.94 -0.18 31.36
C PRO D 153 13.74 0.73 31.57
N GLU D 154 13.59 1.70 30.67
CA GLU D 154 12.38 2.51 30.59
C GLU D 154 11.20 1.65 30.14
N PRO D 155 9.96 2.04 30.50
CA PRO D 155 9.61 3.24 31.23
C PRO D 155 9.27 2.96 32.69
N VAL D 156 9.02 4.04 33.43
CA VAL D 156 8.35 3.97 34.71
C VAL D 156 7.22 4.99 34.68
N THR D 157 6.06 4.62 35.22
CA THR D 157 4.92 5.52 35.34
C THR D 157 4.72 5.89 36.80
N VAL D 158 4.57 7.19 37.07
CA VAL D 158 4.37 7.68 38.43
C VAL D 158 3.03 8.40 38.56
N THR D 159 2.20 7.92 39.48
CA THR D 159 0.94 8.59 39.87
C THR D 159 0.95 8.87 41.37
N TRP D 160 -0.02 9.63 41.84
CA TRP D 160 -0.15 9.96 43.26
C TRP D 160 -1.54 9.57 43.78
N ASN D 161 -1.57 8.85 44.91
CA ASN D 161 -2.82 8.32 45.48
C ASN D 161 -3.65 7.53 44.45
N SER D 162 -2.96 6.66 43.72
CA SER D 162 -3.56 5.77 42.70
C SER D 162 -4.27 6.52 41.58
N GLY D 163 -3.90 7.79 41.37
CA GLY D 163 -4.49 8.63 40.33
C GLY D 163 -5.44 9.70 40.81
N SER D 164 -5.71 9.72 42.13
CA SER D 164 -6.61 10.73 42.72
C SER D 164 -6.02 12.14 42.65
N LEU D 165 -4.71 12.25 42.81
CA LEU D 165 -4.01 13.52 42.65
C LEU D 165 -3.52 13.62 41.20
N SER D 166 -4.05 14.61 40.49
CA SER D 166 -3.63 14.92 39.11
C SER D 166 -3.01 16.32 39.04
N SER D 167 -3.58 17.27 39.77
CA SER D 167 -3.13 18.66 39.76
C SER D 167 -1.81 18.84 40.49
N GLY D 168 -1.00 19.78 40.01
CA GLY D 168 0.24 20.17 40.67
C GLY D 168 1.36 19.14 40.66
N VAL D 169 1.23 18.13 39.80
CA VAL D 169 2.25 17.08 39.68
C VAL D 169 3.22 17.42 38.55
N HIS D 170 4.52 17.28 38.83
CA HIS D 170 5.56 17.43 37.81
C HIS D 170 6.48 16.22 37.84
N THR D 171 6.43 15.42 36.79
CA THR D 171 7.30 14.26 36.67
C THR D 171 8.35 14.54 35.60
N PHE D 172 9.60 14.41 35.98
CA PHE D 172 10.73 14.81 35.15
C PHE D 172 11.30 13.62 34.38
N PRO D 173 11.77 13.85 33.14
CA PRO D 173 12.39 12.79 32.35
C PRO D 173 13.61 12.16 33.03
N ALA D 174 13.73 10.83 32.87
CA ALA D 174 14.79 10.07 33.52
C ALA D 174 16.14 10.35 32.84
N VAL D 175 17.21 10.15 33.62
CA VAL D 175 18.57 10.28 33.10
C VAL D 175 19.26 8.92 33.21
N LEU D 176 19.93 8.52 32.13
CA LEU D 176 20.66 7.27 32.07
C LEU D 176 22.09 7.47 32.54
N GLN D 177 22.51 6.65 33.51
CA GLN D 177 23.87 6.71 34.05
C GLN D 177 24.32 5.30 34.39
N SER D 178 25.35 4.83 33.68
CA SER D 178 25.90 3.49 33.88
C SER D 178 24.85 2.37 33.83
N ASP D 179 24.02 2.40 32.78
CA ASP D 179 22.95 1.43 32.54
C ASP D 179 21.86 1.39 33.62
N LEU D 180 21.66 2.53 34.29
CA LEU D 180 20.58 2.70 35.26
C LEU D 180 19.90 4.05 35.05
N TYR D 181 18.57 4.05 35.11
CA TYR D 181 17.79 5.28 34.97
C TYR D 181 17.35 5.81 36.33
N THR D 182 17.26 7.13 36.43
CA THR D 182 16.78 7.80 37.63
C THR D 182 15.98 9.04 37.26
N LEU D 183 14.82 9.19 37.89
CA LEU D 183 13.99 10.39 37.72
C LEU D 183 13.40 10.79 39.07
N SER D 184 12.70 11.92 39.06
CA SER D 184 11.94 12.34 40.24
C SER D 184 10.61 12.96 39.84
N SER D 185 9.67 12.99 40.79
CA SER D 185 8.36 13.59 40.58
C SER D 185 8.00 14.47 41.77
N SER D 186 7.73 15.75 41.51
CA SER D 186 7.26 16.66 42.55
C SER D 186 5.75 16.84 42.49
N VAL D 187 5.17 17.17 43.63
CA VAL D 187 3.74 17.47 43.73
C VAL D 187 3.53 18.59 44.76
N THR D 188 2.99 19.72 44.30
CA THR D 188 2.71 20.86 45.17
C THR D 188 1.27 20.81 45.63
N VAL D 189 1.07 20.76 46.94
CA VAL D 189 -0.26 20.74 47.54
C VAL D 189 -0.40 21.82 48.63
N PRO D 190 -1.64 22.26 48.92
CA PRO D 190 -1.85 23.23 49.99
C PRO D 190 -1.33 22.75 51.34
N SER D 191 -0.84 23.69 52.16
CA SER D 191 -0.27 23.35 53.46
C SER D 191 -1.30 22.79 54.45
N SER D 192 -2.57 23.19 54.28
CA SER D 192 -3.64 22.71 55.14
C SER D 192 -3.92 21.22 54.95
N THR D 193 -3.69 20.72 53.74
CA THR D 193 -4.02 19.36 53.39
C THR D 193 -2.98 18.35 53.87
N TRP D 194 -1.70 18.71 53.79
CA TRP D 194 -0.60 17.85 54.25
C TRP D 194 0.02 18.42 55.54
N PRO D 195 0.36 17.55 56.53
CA PRO D 195 0.28 16.09 56.50
C PRO D 195 -1.06 15.51 56.99
N SER D 196 -2.06 16.37 57.17
CA SER D 196 -3.37 15.96 57.69
C SER D 196 -3.99 14.83 56.87
N GLU D 197 -3.97 14.99 55.55
CA GLU D 197 -4.50 13.97 54.65
C GLU D 197 -3.35 13.33 53.84
N THR D 198 -3.41 12.01 53.72
CA THR D 198 -2.28 11.20 53.24
C THR D 198 -1.92 11.43 51.77
N VAL D 199 -0.61 11.43 51.49
CA VAL D 199 -0.10 11.55 50.12
C VAL D 199 0.82 10.36 49.82
N THR D 200 0.53 9.64 48.75
CA THR D 200 1.30 8.44 48.40
C THR D 200 1.71 8.49 46.94
N CYS D 201 3.01 8.25 46.67
CA CYS D 201 3.49 8.19 45.29
C CYS D 201 3.50 6.75 44.84
N ASN D 202 2.78 6.47 43.75
CA ASN D 202 2.71 5.12 43.19
C ASN D 202 3.62 5.01 41.97
N VAL D 203 4.51 4.04 42.01
CA VAL D 203 5.55 3.86 41.00
C VAL D 203 5.40 2.49 40.36
N ALA D 204 5.29 2.46 39.03
CA ALA D 204 5.15 1.20 38.29
C ALA D 204 6.32 1.02 37.32
N HIS D 205 6.93 -0.17 37.36
CA HIS D 205 8.04 -0.56 36.46
C HIS D 205 7.64 -1.87 35.76
N PRO D 206 7.01 -1.76 34.59
CA PRO D 206 6.49 -2.88 33.79
C PRO D 206 7.50 -4.01 33.55
N ALA D 207 8.74 -3.67 33.22
CA ALA D 207 9.75 -4.66 32.82
C ALA D 207 10.05 -5.65 33.93
N SER D 208 10.14 -5.15 35.16
CA SER D 208 10.38 -6.00 36.33
C SER D 208 9.06 -6.37 37.00
N SER D 209 7.94 -5.91 36.43
CA SER D 209 6.61 -6.20 36.94
C SER D 209 6.48 -5.77 38.40
N THR D 210 7.05 -4.60 38.71
CA THR D 210 7.10 -4.11 40.07
C THR D 210 6.21 -2.89 40.21
N LYS D 211 5.49 -2.84 41.33
CA LYS D 211 4.77 -1.66 41.77
C LYS D 211 5.23 -1.31 43.18
N VAL D 212 5.47 -0.01 43.42
CA VAL D 212 5.85 0.46 44.75
C VAL D 212 5.07 1.71 45.13
N ASP D 213 4.41 1.65 46.28
CA ASP D 213 3.63 2.75 46.82
C ASP D 213 4.38 3.36 48.00
N LYS D 214 4.80 4.62 47.89
CA LYS D 214 5.52 5.27 48.98
C LYS D 214 4.73 6.45 49.56
N LYS D 215 4.29 6.28 50.80
CA LYS D 215 3.67 7.35 51.57
C LYS D 215 4.72 8.39 51.96
N ILE D 216 4.40 9.66 51.74
CA ILE D 216 5.29 10.75 52.12
C ILE D 216 4.96 11.16 53.56
N VAL D 217 5.76 10.69 54.50
CA VAL D 217 5.58 11.02 55.92
C VAL D 217 6.36 12.29 56.28
N PRO D 218 5.81 13.12 57.19
CA PRO D 218 6.51 14.32 57.64
C PRO D 218 7.87 14.02 58.28
N ARG D 219 8.76 15.01 58.26
CA ARG D 219 10.15 14.83 58.73
C ARG D 219 10.23 14.63 60.25
N ASP D 220 11.19 13.80 60.66
CA ASP D 220 11.43 13.50 62.07
C ASP D 220 12.91 13.44 62.40
#